data_1CIX
#
_entry.id   1CIX
#
_cell.length_a   1.000
_cell.length_b   1.000
_cell.length_c   1.000
_cell.angle_alpha   90.00
_cell.angle_beta   90.00
_cell.angle_gamma   90.00
#
_symmetry.space_group_name_H-M   'P 1'
#
_entity_poly.entity_id   1
_entity_poly.type   'polypeptide(L)'
_entity_poly.pdbx_seq_one_letter_code
;YSRCQLQGFNCVVRSYGLPTIPCCRGLTCRSYFPGSTYGRCQRY
;
_entity_poly.pdbx_strand_id   A
#
# COMPACT_ATOMS: atom_id res chain seq x y z
N TYR A 1 -11.08 -9.48 12.81
CA TYR A 1 -11.76 -9.01 11.57
C TYR A 1 -11.39 -7.54 11.30
N SER A 2 -11.71 -7.04 10.15
CA SER A 2 -11.39 -5.61 9.84
C SER A 2 -9.93 -5.34 10.23
N ARG A 3 -8.99 -5.92 9.52
CA ARG A 3 -7.56 -5.69 9.87
C ARG A 3 -6.89 -4.92 8.72
N CYS A 4 -5.66 -4.51 8.92
CA CYS A 4 -4.94 -3.77 7.86
C CYS A 4 -3.70 -4.56 7.43
N GLN A 5 -3.02 -4.12 6.40
CA GLN A 5 -1.81 -4.85 5.96
C GLN A 5 -0.75 -4.80 7.06
N LEU A 6 0.46 -5.18 6.76
CA LEU A 6 1.54 -5.14 7.80
C LEU A 6 2.57 -4.08 7.44
N GLN A 7 3.57 -3.92 8.24
CA GLN A 7 4.61 -2.89 7.95
C GLN A 7 5.70 -3.50 7.07
N GLY A 8 6.33 -2.70 6.26
CA GLY A 8 7.41 -3.23 5.37
C GLY A 8 6.80 -4.21 4.37
N PHE A 9 5.60 -3.96 3.93
CA PHE A 9 4.95 -4.89 2.95
C PHE A 9 4.90 -4.21 1.58
N ASN A 10 4.14 -4.76 0.67
CA ASN A 10 4.04 -4.16 -0.68
C ASN A 10 2.72 -3.39 -0.81
N CYS A 11 2.54 -2.66 -1.87
CA CYS A 11 1.27 -1.89 -2.05
C CYS A 11 0.90 -1.83 -3.53
N VAL A 12 -0.29 -1.41 -3.83
CA VAL A 12 -0.70 -1.33 -5.26
C VAL A 12 -1.09 0.12 -5.59
N VAL A 13 -0.34 0.78 -6.43
CA VAL A 13 -0.67 2.19 -6.78
C VAL A 13 -1.63 2.20 -7.97
N ARG A 14 -2.13 1.06 -8.35
CA ARG A 14 -3.08 1.01 -9.50
C ARG A 14 -4.43 0.44 -9.04
N SER A 15 -4.51 0.01 -7.81
CA SER A 15 -5.80 -0.56 -7.30
C SER A 15 -6.89 0.50 -7.43
N TYR A 16 -7.58 0.53 -8.54
CA TYR A 16 -8.68 1.53 -8.71
C TYR A 16 -9.87 1.14 -7.84
N GLY A 17 -10.52 2.11 -7.24
CA GLY A 17 -11.69 1.80 -6.37
C GLY A 17 -11.19 1.30 -5.01
N LEU A 18 -9.92 1.42 -4.75
CA LEU A 18 -9.37 0.96 -3.45
C LEU A 18 -9.97 -0.40 -3.08
N PRO A 19 -9.75 -1.37 -3.93
CA PRO A 19 -10.25 -2.74 -3.71
C PRO A 19 -9.37 -3.48 -2.71
N THR A 20 -8.08 -3.30 -2.80
CA THR A 20 -7.15 -3.99 -1.86
C THR A 20 -7.14 -3.25 -0.53
N ILE A 21 -7.04 -3.96 0.56
CA ILE A 21 -7.02 -3.30 1.89
C ILE A 21 -5.74 -2.47 2.04
N PRO A 22 -5.89 -1.19 2.29
CA PRO A 22 -4.76 -0.28 2.47
C PRO A 22 -4.15 -0.43 3.86
N CYS A 23 -2.88 -0.19 4.00
CA CYS A 23 -2.25 -0.32 5.34
C CYS A 23 -3.10 0.41 6.38
N CYS A 24 -2.92 0.13 7.63
CA CYS A 24 -3.73 0.81 8.68
C CYS A 24 -3.23 2.26 8.84
N ARG A 25 -3.98 3.07 9.54
CA ARG A 25 -3.56 4.48 9.73
C ARG A 25 -2.13 4.53 10.28
N GLY A 26 -1.35 5.47 9.85
CA GLY A 26 0.05 5.57 10.33
C GLY A 26 1.01 5.04 9.27
N LEU A 27 0.52 4.25 8.35
CA LEU A 27 1.41 3.71 7.28
C LEU A 27 1.04 4.35 5.94
N THR A 28 2.03 4.69 5.14
CA THR A 28 1.74 5.32 3.82
C THR A 28 2.09 4.33 2.71
N CYS A 29 1.59 4.57 1.52
CA CYS A 29 1.89 3.65 0.39
C CYS A 29 2.44 4.46 -0.79
N ARG A 30 3.68 4.26 -1.13
CA ARG A 30 4.28 5.01 -2.27
C ARG A 30 4.75 4.03 -3.35
N SER A 31 4.90 4.49 -4.56
CA SER A 31 5.35 3.58 -5.65
C SER A 31 6.88 3.66 -5.78
N TYR A 32 7.49 2.63 -6.30
CA TYR A 32 8.97 2.65 -6.46
C TYR A 32 9.38 3.78 -7.42
N PHE A 33 8.46 4.24 -8.21
CA PHE A 33 8.78 5.34 -9.17
C PHE A 33 7.63 5.49 -10.17
N PRO A 34 7.66 6.57 -10.91
CA PRO A 34 6.63 6.87 -11.92
C PRO A 34 6.86 6.03 -13.18
N GLY A 35 5.89 5.23 -13.55
CA GLY A 35 6.05 4.38 -14.77
C GLY A 35 5.97 2.91 -14.36
N SER A 36 5.56 2.63 -13.16
CA SER A 36 5.47 1.22 -12.70
C SER A 36 4.05 0.93 -12.21
N THR A 37 3.84 -0.17 -11.55
CA THR A 37 2.47 -0.50 -11.06
C THR A 37 2.56 -1.16 -9.68
N TYR A 38 3.62 -0.89 -8.95
CA TYR A 38 3.75 -1.50 -7.60
C TYR A 38 4.44 -0.50 -6.66
N GLY A 39 4.59 -0.85 -5.41
CA GLY A 39 5.26 0.07 -4.46
C GLY A 39 5.45 -0.64 -3.10
N ARG A 40 5.70 0.11 -2.07
CA ARG A 40 5.90 -0.52 -0.73
C ARG A 40 5.05 0.21 0.32
N CYS A 41 5.00 -0.29 1.51
CA CYS A 41 4.19 0.38 2.57
C CYS A 41 4.98 0.40 3.87
N GLN A 42 5.15 1.54 4.47
CA GLN A 42 5.92 1.63 5.74
C GLN A 42 5.10 2.40 6.78
N ARG A 43 5.59 2.49 7.98
CA ARG A 43 4.84 3.23 9.04
C ARG A 43 5.19 4.72 8.97
N TYR A 44 5.24 5.27 7.79
CA TYR A 44 5.58 6.71 7.65
C TYR A 44 6.86 7.01 8.42
N TYR A 1 -14.32 -1.77 8.40
CA TYR A 1 -13.35 -2.86 8.71
C TYR A 1 -12.05 -2.26 9.23
N SER A 2 -11.36 -2.97 10.08
CA SER A 2 -10.08 -2.43 10.64
C SER A 2 -8.97 -3.48 10.49
N ARG A 3 -8.92 -4.15 9.37
CA ARG A 3 -7.86 -5.17 9.17
C ARG A 3 -6.87 -4.67 8.12
N CYS A 4 -5.60 -4.67 8.45
CA CYS A 4 -4.58 -4.18 7.49
C CYS A 4 -3.36 -5.09 7.53
N GLN A 5 -2.65 -5.22 6.45
CA GLN A 5 -1.44 -6.08 6.44
C GLN A 5 -0.42 -5.53 7.44
N LEU A 6 0.80 -6.00 7.39
CA LEU A 6 1.83 -5.50 8.33
C LEU A 6 2.67 -4.43 7.65
N GLN A 7 3.35 -3.61 8.41
CA GLN A 7 4.19 -2.54 7.81
C GLN A 7 5.36 -3.17 7.06
N GLY A 8 5.92 -2.46 6.12
CA GLY A 8 7.07 -3.01 5.35
C GLY A 8 6.59 -4.17 4.47
N PHE A 9 5.63 -3.92 3.62
CA PHE A 9 5.13 -5.02 2.74
C PHE A 9 4.79 -4.44 1.36
N ASN A 10 4.06 -5.17 0.56
CA ASN A 10 3.70 -4.66 -0.79
C ASN A 10 2.49 -3.73 -0.69
N CYS A 11 2.27 -2.91 -1.68
CA CYS A 11 1.11 -1.99 -1.64
C CYS A 11 0.70 -1.63 -3.06
N VAL A 12 -0.56 -1.34 -3.28
CA VAL A 12 -1.01 -0.98 -4.65
C VAL A 12 -1.22 0.53 -4.74
N VAL A 13 -0.50 1.19 -5.62
CA VAL A 13 -0.65 2.66 -5.76
C VAL A 13 -1.86 2.96 -6.64
N ARG A 14 -2.26 2.02 -7.47
CA ARG A 14 -3.43 2.25 -8.36
C ARG A 14 -4.70 1.79 -7.64
N SER A 15 -5.01 0.52 -7.72
CA SER A 15 -6.23 0.01 -7.05
C SER A 15 -7.47 0.67 -7.68
N TYR A 16 -8.21 -0.06 -8.47
CA TYR A 16 -9.42 0.52 -9.11
C TYR A 16 -10.67 0.07 -8.36
N GLY A 17 -11.13 0.85 -7.43
CA GLY A 17 -12.35 0.47 -6.66
C GLY A 17 -11.94 -0.03 -5.27
N LEU A 18 -10.70 0.12 -4.91
CA LEU A 18 -10.24 -0.35 -3.57
C LEU A 18 -10.45 -1.86 -3.45
N PRO A 19 -9.80 -2.59 -4.31
CA PRO A 19 -9.89 -4.06 -4.33
C PRO A 19 -9.04 -4.66 -3.21
N THR A 20 -7.74 -4.51 -3.29
CA THR A 20 -6.86 -5.07 -2.24
C THR A 20 -6.99 -4.23 -0.97
N ILE A 21 -6.55 -4.73 0.15
CA ILE A 21 -6.66 -3.95 1.41
C ILE A 21 -5.46 -2.99 1.52
N PRO A 22 -5.74 -1.78 1.94
CA PRO A 22 -4.70 -0.74 2.10
C PRO A 22 -3.91 -0.96 3.39
N CYS A 23 -3.14 0.00 3.79
CA CYS A 23 -2.35 -0.15 5.05
C CYS A 23 -3.07 0.55 6.21
N CYS A 24 -2.80 0.15 7.41
CA CYS A 24 -3.49 0.79 8.58
C CYS A 24 -3.22 2.30 8.55
N ARG A 25 -4.02 3.07 9.25
CA ARG A 25 -3.82 4.54 9.25
C ARG A 25 -2.41 4.86 9.75
N GLY A 26 -1.75 5.81 9.14
CA GLY A 26 -0.37 6.16 9.58
C GLY A 26 0.63 5.69 8.53
N LEU A 27 0.29 4.68 7.78
CA LEU A 27 1.22 4.18 6.73
C LEU A 27 0.91 4.86 5.40
N THR A 28 1.79 4.75 4.44
CA THR A 28 1.53 5.39 3.12
C THR A 28 1.98 4.46 2.00
N CYS A 29 1.49 4.69 0.80
CA CYS A 29 1.91 3.81 -0.34
C CYS A 29 2.93 4.54 -1.19
N ARG A 30 4.05 3.90 -1.48
CA ARG A 30 5.09 4.56 -2.31
C ARG A 30 5.56 3.58 -3.40
N SER A 31 5.62 4.04 -4.61
CA SER A 31 6.07 3.14 -5.72
C SER A 31 7.54 3.40 -6.03
N TYR A 32 8.24 2.41 -6.51
CA TYR A 32 9.68 2.61 -6.84
C TYR A 32 9.83 3.81 -7.76
N PHE A 33 9.40 3.69 -8.99
CA PHE A 33 9.52 4.83 -9.93
C PHE A 33 9.12 4.39 -11.34
N PRO A 34 9.77 3.37 -11.82
CA PRO A 34 9.50 2.81 -13.16
C PRO A 34 8.24 1.93 -13.13
N GLY A 35 7.30 2.19 -14.00
CA GLY A 35 6.06 1.39 -14.01
C GLY A 35 5.31 1.56 -12.70
N SER A 36 5.13 2.77 -12.26
CA SER A 36 4.40 3.01 -10.98
C SER A 36 3.14 2.15 -10.94
N THR A 37 3.10 1.20 -10.06
CA THR A 37 1.89 0.32 -9.97
C THR A 37 1.93 -0.48 -8.65
N TYR A 38 3.09 -0.96 -8.30
CA TYR A 38 3.21 -1.75 -7.04
C TYR A 38 4.47 -1.33 -6.30
N GLY A 39 4.34 -0.83 -5.10
CA GLY A 39 5.55 -0.39 -4.34
C GLY A 39 5.53 -1.04 -2.96
N ARG A 40 5.97 -0.33 -1.96
CA ARG A 40 5.99 -0.90 -0.58
C ARG A 40 5.21 0.03 0.36
N CYS A 41 4.84 -0.47 1.51
CA CYS A 41 4.08 0.39 2.48
C CYS A 41 4.95 0.64 3.70
N GLN A 42 5.05 1.88 4.11
CA GLN A 42 5.89 2.20 5.31
C GLN A 42 5.07 3.04 6.29
N ARG A 43 5.69 3.54 7.32
CA ARG A 43 4.95 4.36 8.32
C ARG A 43 5.20 5.85 8.05
N TYR A 44 4.81 6.32 6.89
CA TYR A 44 5.03 7.76 6.57
C TYR A 44 3.76 8.55 6.91
N TYR A 1 -11.80 -8.25 14.97
CA TYR A 1 -11.75 -7.51 13.68
C TYR A 1 -10.32 -7.00 13.44
N SER A 2 -9.66 -7.53 12.45
CA SER A 2 -8.26 -7.08 12.17
C SER A 2 -7.95 -7.26 10.68
N ARG A 3 -8.50 -6.41 9.85
CA ARG A 3 -8.23 -6.54 8.39
C ARG A 3 -7.20 -5.50 7.96
N CYS A 4 -5.97 -5.68 8.35
CA CYS A 4 -4.91 -4.70 7.96
C CYS A 4 -3.70 -5.45 7.40
N GLN A 5 -2.79 -4.74 6.78
CA GLN A 5 -1.59 -5.41 6.21
C GLN A 5 -0.43 -5.30 7.21
N LEU A 6 0.75 -5.67 6.80
CA LEU A 6 1.91 -5.60 7.73
C LEU A 6 2.80 -4.42 7.32
N GLN A 7 3.58 -3.92 8.23
CA GLN A 7 4.47 -2.77 7.90
C GLN A 7 5.66 -3.27 7.06
N GLY A 8 6.07 -2.53 6.08
CA GLY A 8 7.21 -2.97 5.23
C GLY A 8 6.80 -4.20 4.43
N PHE A 9 5.82 -4.06 3.58
CA PHE A 9 5.36 -5.23 2.76
C PHE A 9 5.03 -4.77 1.35
N ASN A 10 4.32 -5.58 0.60
CA ASN A 10 3.96 -5.18 -0.79
C ASN A 10 2.77 -4.22 -0.75
N CYS A 11 2.86 -3.11 -1.43
CA CYS A 11 1.75 -2.13 -1.44
C CYS A 11 1.31 -1.85 -2.87
N VAL A 12 0.28 -1.05 -3.04
CA VAL A 12 -0.19 -0.72 -4.42
C VAL A 12 -0.43 0.78 -4.52
N VAL A 13 -0.61 1.28 -5.71
CA VAL A 13 -0.84 2.76 -5.88
C VAL A 13 -1.95 2.99 -6.91
N ARG A 14 -2.58 1.94 -7.37
CA ARG A 14 -3.66 2.12 -8.38
C ARG A 14 -4.96 1.51 -7.84
N SER A 15 -5.18 1.58 -6.57
CA SER A 15 -6.42 1.01 -5.99
C SER A 15 -7.47 2.10 -5.85
N TYR A 16 -7.84 2.74 -6.92
CA TYR A 16 -8.86 3.82 -6.85
C TYR A 16 -10.21 3.27 -7.35
N GLY A 17 -10.83 2.44 -6.57
CA GLY A 17 -12.15 1.86 -7.00
C GLY A 17 -12.15 0.35 -6.76
N LEU A 18 -11.13 -0.33 -7.20
CA LEU A 18 -11.07 -1.80 -6.99
C LEU A 18 -11.00 -2.10 -5.50
N PRO A 19 -11.36 -3.31 -5.15
CA PRO A 19 -11.37 -3.76 -3.75
C PRO A 19 -9.94 -4.09 -3.29
N THR A 20 -9.40 -3.31 -2.40
CA THR A 20 -8.01 -3.57 -1.90
C THR A 20 -7.83 -2.93 -0.53
N ILE A 21 -7.37 -3.70 0.43
CA ILE A 21 -7.16 -3.13 1.79
C ILE A 21 -5.79 -2.44 1.86
N PRO A 22 -5.79 -1.16 2.10
CA PRO A 22 -4.54 -0.38 2.19
C PRO A 22 -3.88 -0.61 3.56
N CYS A 23 -2.78 0.03 3.81
CA CYS A 23 -2.09 -0.15 5.12
C CYS A 23 -2.91 0.52 6.22
N CYS A 24 -2.75 0.08 7.44
CA CYS A 24 -3.53 0.70 8.55
C CYS A 24 -3.51 2.22 8.41
N ARG A 25 -4.42 2.91 9.06
CA ARG A 25 -4.45 4.38 8.97
C ARG A 25 -3.16 4.97 9.55
N GLY A 26 -2.67 6.04 8.98
CA GLY A 26 -1.41 6.65 9.50
C GLY A 26 -0.22 6.16 8.67
N LEU A 27 -0.41 5.11 7.91
CA LEU A 27 0.71 4.57 7.10
C LEU A 27 0.49 4.94 5.62
N THR A 28 1.45 4.67 4.78
CA THR A 28 1.29 4.99 3.33
C THR A 28 2.26 4.14 2.52
N CYS A 29 2.33 4.37 1.24
CA CYS A 29 3.26 3.57 0.38
C CYS A 29 3.79 4.45 -0.75
N ARG A 30 4.82 4.01 -1.42
CA ARG A 30 5.40 4.81 -2.54
C ARG A 30 5.61 3.91 -3.76
N SER A 31 5.40 4.44 -4.93
CA SER A 31 5.60 3.61 -6.16
C SER A 31 7.05 3.71 -6.62
N TYR A 32 7.63 2.62 -7.04
CA TYR A 32 9.04 2.66 -7.51
C TYR A 32 9.22 3.84 -8.46
N PHE A 33 8.63 3.77 -9.62
CA PHE A 33 8.76 4.89 -10.60
C PHE A 33 8.30 4.40 -11.98
N PRO A 34 8.89 3.33 -12.43
CA PRO A 34 8.56 2.74 -13.74
C PRO A 34 7.28 1.90 -13.63
N GLY A 35 6.24 2.28 -14.33
CA GLY A 35 4.98 1.50 -14.25
C GLY A 35 4.38 1.61 -12.84
N SER A 36 4.08 2.81 -12.41
CA SER A 36 3.51 2.99 -11.05
C SER A 36 2.35 2.01 -10.84
N THR A 37 2.59 0.95 -10.11
CA THR A 37 1.51 -0.04 -9.86
C THR A 37 1.71 -0.68 -8.48
N TYR A 38 2.88 -1.17 -8.22
CA TYR A 38 3.14 -1.81 -6.90
C TYR A 38 4.41 -1.20 -6.28
N GLY A 39 4.40 -0.99 -4.99
CA GLY A 39 5.60 -0.40 -4.33
C GLY A 39 5.81 -1.06 -2.97
N ARG A 40 6.19 -0.30 -1.98
CA ARG A 40 6.41 -0.88 -0.62
C ARG A 40 5.66 -0.04 0.41
N CYS A 41 5.12 -0.66 1.42
CA CYS A 41 4.39 0.10 2.47
C CYS A 41 5.27 0.29 3.69
N GLN A 42 5.23 1.46 4.28
CA GLN A 42 6.06 1.72 5.50
C GLN A 42 5.48 2.91 6.25
N ARG A 43 6.24 3.51 7.11
CA ARG A 43 5.73 4.69 7.88
C ARG A 43 6.29 5.97 7.27
N TYR A 44 6.02 6.21 6.01
CA TYR A 44 6.54 7.43 5.35
C TYR A 44 5.97 8.67 6.05
N TYR A 1 -10.24 -13.19 1.49
CA TYR A 1 -9.21 -12.78 2.50
C TYR A 1 -9.00 -11.27 2.40
N SER A 2 -9.37 -10.54 3.41
CA SER A 2 -9.19 -9.06 3.39
C SER A 2 -8.76 -8.57 4.77
N ARG A 3 -7.52 -8.21 4.92
CA ARG A 3 -7.03 -7.73 6.25
C ARG A 3 -6.04 -6.59 6.03
N CYS A 4 -5.49 -6.06 7.09
CA CYS A 4 -4.52 -4.94 6.95
C CYS A 4 -3.10 -5.51 6.84
N GLN A 5 -2.36 -5.12 5.84
CA GLN A 5 -0.97 -5.65 5.68
C GLN A 5 -0.14 -5.26 6.91
N LEU A 6 1.16 -5.35 6.81
CA LEU A 6 2.02 -4.98 7.97
C LEU A 6 2.96 -3.86 7.56
N GLN A 7 3.55 -3.18 8.51
CA GLN A 7 4.49 -2.07 8.17
C GLN A 7 5.68 -2.63 7.39
N GLY A 8 5.94 -2.11 6.22
CA GLY A 8 7.08 -2.61 5.41
C GLY A 8 6.63 -3.78 4.55
N PHE A 9 5.66 -3.56 3.71
CA PHE A 9 5.16 -4.67 2.84
C PHE A 9 4.77 -4.10 1.46
N ASN A 10 4.07 -4.86 0.67
CA ASN A 10 3.67 -4.37 -0.67
C ASN A 10 2.31 -3.65 -0.56
N CYS A 11 2.20 -2.50 -1.17
CA CYS A 11 0.90 -1.77 -1.09
C CYS A 11 0.50 -1.30 -2.49
N VAL A 12 -0.78 -1.21 -2.75
CA VAL A 12 -1.24 -0.76 -4.09
C VAL A 12 -1.27 0.78 -4.13
N VAL A 13 -0.87 1.36 -5.21
CA VAL A 13 -0.88 2.85 -5.31
C VAL A 13 -2.02 3.31 -6.21
N ARG A 14 -2.51 2.45 -7.06
CA ARG A 14 -3.63 2.83 -7.96
C ARG A 14 -4.94 2.28 -7.41
N SER A 15 -5.29 2.66 -6.21
CA SER A 15 -6.56 2.15 -5.61
C SER A 15 -7.57 3.30 -5.50
N TYR A 16 -8.48 3.41 -6.44
CA TYR A 16 -9.48 4.50 -6.38
C TYR A 16 -10.89 3.91 -6.40
N GLY A 17 -11.17 3.04 -5.47
CA GLY A 17 -12.54 2.43 -5.43
C GLY A 17 -12.42 0.91 -5.56
N LEU A 18 -11.48 0.43 -6.33
CA LEU A 18 -11.30 -1.03 -6.50
C LEU A 18 -11.22 -1.69 -5.11
N PRO A 19 -11.59 -2.93 -5.05
CA PRO A 19 -11.59 -3.71 -3.80
C PRO A 19 -10.15 -4.16 -3.46
N THR A 20 -9.42 -3.34 -2.78
CA THR A 20 -8.02 -3.71 -2.42
C THR A 20 -7.66 -3.07 -1.07
N ILE A 21 -7.77 -3.82 0.00
CA ILE A 21 -7.44 -3.25 1.34
C ILE A 21 -5.96 -2.85 1.37
N PRO A 22 -5.71 -1.56 1.49
CA PRO A 22 -4.33 -1.03 1.55
C PRO A 22 -3.74 -1.25 2.95
N CYS A 23 -2.72 -0.53 3.29
CA CYS A 23 -2.10 -0.70 4.63
C CYS A 23 -3.05 -0.13 5.70
N CYS A 24 -2.58 0.03 6.90
CA CYS A 24 -3.46 0.58 7.98
C CYS A 24 -3.30 2.10 8.03
N ARG A 25 -4.00 2.74 8.93
CA ARG A 25 -3.89 4.22 9.03
C ARG A 25 -2.52 4.61 9.58
N GLY A 26 -1.82 5.48 8.91
CA GLY A 26 -0.47 5.89 9.39
C GLY A 26 0.61 5.33 8.47
N LEU A 27 0.23 4.48 7.55
CA LEU A 27 1.25 3.89 6.63
C LEU A 27 0.94 4.29 5.18
N THR A 28 1.75 5.14 4.61
CA THR A 28 1.50 5.57 3.21
C THR A 28 2.08 4.53 2.24
N CYS A 29 1.85 4.71 0.97
CA CYS A 29 2.39 3.74 -0.02
C CYS A 29 3.22 4.49 -1.06
N ARG A 30 4.32 3.93 -1.48
CA ARG A 30 5.17 4.63 -2.50
C ARG A 30 5.68 3.61 -3.52
N SER A 31 5.60 3.94 -4.78
CA SER A 31 6.08 3.00 -5.83
C SER A 31 7.59 3.15 -6.01
N TYR A 32 8.37 2.27 -5.43
CA TYR A 32 9.84 2.38 -5.56
C TYR A 32 10.20 2.65 -7.02
N PHE A 33 9.38 2.22 -7.94
CA PHE A 33 9.70 2.46 -9.38
C PHE A 33 8.49 3.13 -10.06
N PRO A 34 8.77 3.98 -11.00
CA PRO A 34 7.72 4.71 -11.75
C PRO A 34 7.11 3.79 -12.82
N GLY A 35 6.03 3.12 -12.50
CA GLY A 35 5.39 2.22 -13.50
C GLY A 35 4.84 0.99 -12.79
N SER A 36 5.47 0.58 -11.73
CA SER A 36 4.99 -0.63 -10.99
C SER A 36 3.79 -0.24 -10.11
N THR A 37 2.61 -0.59 -10.52
CA THR A 37 1.41 -0.24 -9.70
C THR A 37 1.61 -0.72 -8.27
N TYR A 38 2.45 -1.68 -8.06
CA TYR A 38 2.68 -2.19 -6.68
C TYR A 38 4.01 -1.63 -6.15
N GLY A 39 4.00 -1.10 -4.96
CA GLY A 39 5.26 -0.54 -4.38
C GLY A 39 5.47 -1.11 -2.97
N ARG A 40 5.86 -0.28 -2.04
CA ARG A 40 6.08 -0.77 -0.66
C ARG A 40 5.25 0.06 0.33
N CYS A 41 5.26 -0.30 1.57
CA CYS A 41 4.47 0.48 2.57
C CYS A 41 5.37 0.83 3.76
N GLN A 42 5.31 2.06 4.22
CA GLN A 42 6.17 2.46 5.37
C GLN A 42 5.45 3.56 6.17
N ARG A 43 6.08 4.06 7.19
CA ARG A 43 5.44 5.13 8.00
C ARG A 43 5.75 6.50 7.40
N TYR A 44 5.77 6.60 6.10
CA TYR A 44 6.07 7.90 5.45
C TYR A 44 6.17 7.70 3.93
N TYR A 1 -13.93 -6.38 12.31
CA TYR A 1 -13.48 -6.18 10.90
C TYR A 1 -12.17 -5.40 10.89
N SER A 2 -11.10 -6.05 10.53
CA SER A 2 -9.78 -5.36 10.49
C SER A 2 -8.86 -6.04 9.48
N ARG A 3 -8.73 -5.48 8.30
CA ARG A 3 -7.85 -6.10 7.27
C ARG A 3 -6.80 -5.08 6.82
N CYS A 4 -5.61 -5.18 7.33
CA CYS A 4 -4.55 -4.22 6.92
C CYS A 4 -3.21 -4.96 6.79
N GLN A 5 -2.41 -4.60 5.82
CA GLN A 5 -1.10 -5.28 5.64
C GLN A 5 -0.20 -4.97 6.85
N LEU A 6 1.06 -5.28 6.74
CA LEU A 6 1.98 -5.01 7.88
C LEU A 6 2.96 -3.89 7.50
N GLN A 7 3.73 -3.41 8.43
CA GLN A 7 4.70 -2.33 8.12
C GLN A 7 5.78 -2.87 7.20
N GLY A 8 6.29 -2.06 6.31
CA GLY A 8 7.35 -2.54 5.38
C GLY A 8 6.84 -3.77 4.63
N PHE A 9 5.89 -3.59 3.76
CA PHE A 9 5.35 -4.75 3.00
C PHE A 9 4.93 -4.30 1.60
N ASN A 10 4.19 -5.11 0.89
CA ASN A 10 3.75 -4.72 -0.48
C ASN A 10 2.42 -3.97 -0.40
N CYS A 11 2.26 -2.95 -1.20
CA CYS A 11 0.98 -2.18 -1.17
C CYS A 11 0.61 -1.75 -2.59
N VAL A 12 -0.64 -1.46 -2.84
CA VAL A 12 -1.05 -1.04 -4.20
C VAL A 12 -1.16 0.49 -4.25
N VAL A 13 -0.84 1.08 -5.36
CA VAL A 13 -0.93 2.57 -5.47
C VAL A 13 -1.90 2.94 -6.60
N ARG A 14 -2.12 2.04 -7.52
CA ARG A 14 -3.04 2.35 -8.65
C ARG A 14 -4.05 1.21 -8.80
N SER A 15 -4.71 0.84 -7.74
CA SER A 15 -5.71 -0.28 -7.83
C SER A 15 -6.57 -0.09 -9.08
N TYR A 16 -6.74 -1.13 -9.85
CA TYR A 16 -7.57 -1.02 -11.08
C TYR A 16 -8.83 -1.87 -10.92
N GLY A 17 -9.85 -1.34 -10.32
CA GLY A 17 -11.11 -2.12 -10.13
C GLY A 17 -10.76 -3.48 -9.51
N LEU A 18 -9.91 -3.48 -8.51
CA LEU A 18 -9.54 -4.76 -7.85
C LEU A 18 -9.83 -4.67 -6.34
N PRO A 19 -10.17 -5.80 -5.78
CA PRO A 19 -10.48 -5.89 -4.34
C PRO A 19 -9.18 -5.91 -3.53
N THR A 20 -8.71 -4.77 -3.10
CA THR A 20 -7.45 -4.74 -2.31
C THR A 20 -7.62 -3.83 -1.09
N ILE A 21 -6.76 -3.97 -0.12
CA ILE A 21 -6.87 -3.12 1.10
C ILE A 21 -5.52 -2.46 1.37
N PRO A 22 -5.53 -1.16 1.52
CA PRO A 22 -4.29 -0.38 1.78
C PRO A 22 -3.86 -0.53 3.25
N CYS A 23 -2.66 -0.11 3.56
CA CYS A 23 -2.17 -0.23 4.96
C CYS A 23 -3.08 0.59 5.89
N CYS A 24 -3.28 0.15 7.09
CA CYS A 24 -4.14 0.90 8.03
C CYS A 24 -3.58 2.31 8.26
N ARG A 25 -4.35 3.19 8.80
CA ARG A 25 -3.85 4.57 9.05
C ARG A 25 -2.46 4.52 9.68
N GLY A 26 -1.65 5.51 9.44
CA GLY A 26 -0.28 5.51 10.03
C GLY A 26 0.70 4.86 9.04
N LEU A 27 0.21 4.32 7.96
CA LEU A 27 1.10 3.68 6.97
C LEU A 27 0.88 4.30 5.58
N THR A 28 1.91 4.80 4.96
CA THR A 28 1.75 5.42 3.62
C THR A 28 2.24 4.44 2.55
N CYS A 29 1.64 4.46 1.39
CA CYS A 29 2.07 3.53 0.31
C CYS A 29 2.90 4.30 -0.72
N ARG A 30 4.01 3.77 -1.11
CA ARG A 30 4.87 4.47 -2.12
C ARG A 30 5.07 3.57 -3.34
N SER A 31 5.41 4.15 -4.46
CA SER A 31 5.63 3.33 -5.69
C SER A 31 7.10 3.40 -6.08
N TYR A 32 7.58 2.39 -6.77
CA TYR A 32 9.01 2.39 -7.19
C TYR A 32 9.29 3.63 -8.04
N PHE A 33 8.81 3.64 -9.26
CA PHE A 33 9.05 4.82 -10.14
C PHE A 33 8.63 4.49 -11.57
N PRO A 34 9.17 3.42 -12.09
CA PRO A 34 8.87 2.96 -13.46
C PRO A 34 7.52 2.26 -13.49
N GLY A 35 6.54 2.85 -14.11
CA GLY A 35 5.19 2.21 -14.18
C GLY A 35 4.59 2.14 -12.77
N SER A 36 4.35 3.27 -12.16
CA SER A 36 3.77 3.27 -10.79
C SER A 36 2.64 2.23 -10.71
N THR A 37 2.77 1.26 -9.85
CA THR A 37 1.71 0.22 -9.72
C THR A 37 1.85 -0.47 -8.36
N TYR A 38 2.73 -1.43 -8.26
CA TYR A 38 2.91 -2.14 -6.97
C TYR A 38 4.22 -1.70 -6.30
N GLY A 39 4.13 -1.19 -5.10
CA GLY A 39 5.37 -0.72 -4.42
C GLY A 39 5.42 -1.33 -3.01
N ARG A 40 5.95 -0.60 -2.06
CA ARG A 40 6.03 -1.14 -0.68
C ARG A 40 5.14 -0.30 0.25
N CYS A 41 5.19 -0.55 1.53
CA CYS A 41 4.35 0.23 2.47
C CYS A 41 5.17 0.58 3.72
N GLN A 42 5.21 1.84 4.07
CA GLN A 42 6.00 2.24 5.28
C GLN A 42 5.04 2.70 6.38
N ARG A 43 5.57 3.13 7.49
CA ARG A 43 4.68 3.59 8.61
C ARG A 43 4.70 5.11 8.68
N TYR A 44 4.54 5.78 7.56
CA TYR A 44 4.54 7.26 7.55
C TYR A 44 5.92 7.76 7.97
N TYR A 1 -10.68 -11.79 8.74
CA TYR A 1 -10.92 -10.90 9.91
C TYR A 1 -9.72 -9.96 10.10
N SER A 2 -9.96 -8.76 10.53
CA SER A 2 -8.84 -7.81 10.74
C SER A 2 -8.02 -7.69 9.46
N ARG A 3 -8.52 -6.98 8.48
CA ARG A 3 -7.78 -6.83 7.20
C ARG A 3 -6.79 -5.67 7.32
N CYS A 4 -5.63 -5.91 7.87
CA CYS A 4 -4.63 -4.81 8.01
C CYS A 4 -3.22 -5.37 7.75
N GLN A 5 -2.70 -5.17 6.57
CA GLN A 5 -1.34 -5.69 6.28
C GLN A 5 -0.35 -5.15 7.32
N LEU A 6 0.92 -5.31 7.11
CA LEU A 6 1.92 -4.82 8.10
C LEU A 6 2.79 -3.74 7.44
N GLN A 7 3.75 -3.23 8.16
CA GLN A 7 4.63 -2.18 7.59
C GLN A 7 5.67 -2.83 6.67
N GLY A 8 6.39 -2.05 5.92
CA GLY A 8 7.41 -2.64 5.00
C GLY A 8 6.81 -3.83 4.27
N PHE A 9 5.64 -3.68 3.71
CA PHE A 9 5.02 -4.81 2.98
C PHE A 9 4.67 -4.37 1.55
N ASN A 10 3.84 -5.11 0.87
CA ASN A 10 3.46 -4.73 -0.51
C ASN A 10 2.06 -4.12 -0.51
N CYS A 11 1.92 -2.91 -0.99
CA CYS A 11 0.58 -2.26 -1.02
C CYS A 11 0.33 -1.67 -2.40
N VAL A 12 -0.91 -1.46 -2.75
CA VAL A 12 -1.21 -0.89 -4.09
C VAL A 12 -1.26 0.64 -3.98
N VAL A 13 -0.67 1.33 -4.91
CA VAL A 13 -0.68 2.82 -4.88
C VAL A 13 -1.80 3.34 -5.77
N ARG A 14 -2.22 2.55 -6.73
CA ARG A 14 -3.31 2.99 -7.65
C ARG A 14 -4.66 2.57 -7.07
N SER A 15 -5.05 3.13 -5.96
CA SER A 15 -6.36 2.75 -5.35
C SER A 15 -7.45 3.71 -5.82
N TYR A 16 -7.28 4.29 -6.98
CA TYR A 16 -8.31 5.24 -7.49
C TYR A 16 -9.39 4.46 -8.26
N GLY A 17 -10.56 4.37 -7.72
CA GLY A 17 -11.66 3.62 -8.41
C GLY A 17 -11.60 2.14 -8.01
N LEU A 18 -10.60 1.76 -7.26
CA LEU A 18 -10.50 0.33 -6.84
C LEU A 18 -10.38 0.26 -5.31
N PRO A 19 -11.41 -0.28 -4.68
CA PRO A 19 -11.44 -0.41 -3.21
C PRO A 19 -10.58 -1.60 -2.77
N THR A 20 -9.29 -1.43 -2.78
CA THR A 20 -8.38 -2.54 -2.37
C THR A 20 -8.13 -2.45 -0.86
N ILE A 21 -7.16 -3.18 -0.38
CA ILE A 21 -6.85 -3.14 1.09
C ILE A 21 -5.44 -2.58 1.29
N PRO A 22 -5.37 -1.29 1.51
CA PRO A 22 -4.09 -0.59 1.73
C PRO A 22 -3.57 -0.83 3.15
N CYS A 23 -2.45 -0.27 3.50
CA CYS A 23 -1.91 -0.47 4.86
C CYS A 23 -2.76 0.30 5.87
N CYS A 24 -2.78 -0.14 7.10
CA CYS A 24 -3.60 0.57 8.12
C CYS A 24 -3.31 2.06 8.07
N ARG A 25 -4.19 2.87 8.61
CA ARG A 25 -3.97 4.34 8.58
C ARG A 25 -2.56 4.65 9.09
N GLY A 26 -2.01 5.78 8.71
CA GLY A 26 -0.64 6.13 9.17
C GLY A 26 0.38 5.72 8.12
N LEU A 27 0.30 4.50 7.66
CA LEU A 27 1.27 4.04 6.62
C LEU A 27 0.71 4.30 5.22
N THR A 28 1.50 4.82 4.34
CA THR A 28 1.02 5.10 2.96
C THR A 28 1.73 4.19 1.96
N CYS A 29 1.05 3.79 0.92
CA CYS A 29 1.68 2.90 -0.09
C CYS A 29 2.44 3.75 -1.10
N ARG A 30 3.74 3.61 -1.17
CA ARG A 30 4.52 4.43 -2.14
C ARG A 30 5.19 3.51 -3.17
N SER A 31 5.57 4.04 -4.30
CA SER A 31 6.23 3.21 -5.35
C SER A 31 7.70 3.59 -5.44
N TYR A 32 8.54 2.69 -5.87
CA TYR A 32 9.99 3.02 -5.99
C TYR A 32 10.37 3.15 -7.46
N PHE A 33 9.43 3.00 -8.35
CA PHE A 33 9.76 3.13 -9.80
C PHE A 33 8.80 4.14 -10.45
N PRO A 34 9.23 4.68 -11.57
CA PRO A 34 8.44 5.67 -12.32
C PRO A 34 7.34 4.97 -13.12
N GLY A 35 6.14 5.51 -13.08
CA GLY A 35 5.02 4.89 -13.83
C GLY A 35 4.90 3.40 -13.46
N SER A 36 4.93 3.10 -12.19
CA SER A 36 4.82 1.67 -11.77
C SER A 36 3.39 1.40 -11.28
N THR A 37 3.20 0.34 -10.55
CA THR A 37 1.82 0.03 -10.05
C THR A 37 1.90 -0.39 -8.58
N TYR A 38 2.64 -1.42 -8.29
CA TYR A 38 2.76 -1.88 -6.88
C TYR A 38 4.12 -1.48 -6.32
N GLY A 39 4.18 -1.10 -5.07
CA GLY A 39 5.48 -0.71 -4.47
C GLY A 39 5.55 -1.21 -3.03
N ARG A 40 6.40 -0.63 -2.22
CA ARG A 40 6.52 -1.08 -0.81
C ARG A 40 5.63 -0.20 0.07
N CYS A 41 5.42 -0.59 1.30
CA CYS A 41 4.57 0.23 2.20
C CYS A 41 5.40 0.71 3.39
N GLN A 42 5.23 1.94 3.79
CA GLN A 42 6.01 2.48 4.94
C GLN A 42 5.16 3.51 5.69
N ARG A 43 5.73 4.15 6.68
CA ARG A 43 4.97 5.17 7.43
C ARG A 43 5.10 6.52 6.72
N TYR A 44 4.83 6.55 5.44
CA TYR A 44 4.93 7.84 4.68
C TYR A 44 6.35 8.38 4.81
N TYR A 1 -8.03 -10.14 17.09
CA TYR A 1 -8.49 -9.38 15.89
C TYR A 1 -7.27 -8.86 15.12
N SER A 2 -7.31 -8.95 13.81
CA SER A 2 -6.16 -8.47 13.00
C SER A 2 -6.55 -8.40 11.53
N ARG A 3 -6.86 -7.23 11.04
CA ARG A 3 -7.26 -7.09 9.62
C ARG A 3 -6.53 -5.90 9.00
N CYS A 4 -5.23 -5.96 8.90
CA CYS A 4 -4.45 -4.83 8.31
C CYS A 4 -3.14 -5.37 7.74
N GLN A 5 -2.44 -4.56 7.00
CA GLN A 5 -1.14 -5.02 6.42
C GLN A 5 0.00 -4.71 7.38
N LEU A 6 1.09 -5.41 7.29
CA LEU A 6 2.24 -5.15 8.20
C LEU A 6 3.11 -4.04 7.62
N GLN A 7 3.82 -3.33 8.46
CA GLN A 7 4.70 -2.24 7.95
C GLN A 7 5.88 -2.83 7.19
N GLY A 8 5.97 -2.59 5.92
CA GLY A 8 7.11 -3.14 5.13
C GLY A 8 6.59 -4.20 4.15
N PHE A 9 5.47 -3.96 3.53
CA PHE A 9 4.92 -4.96 2.58
C PHE A 9 4.78 -4.33 1.19
N ASN A 10 3.82 -4.76 0.43
CA ASN A 10 3.63 -4.19 -0.93
C ASN A 10 2.26 -3.52 -1.04
N CYS A 11 2.22 -2.22 -1.11
CA CYS A 11 0.92 -1.52 -1.21
C CYS A 11 0.69 -1.08 -2.66
N VAL A 12 -0.55 -0.95 -3.06
CA VAL A 12 -0.84 -0.52 -4.46
C VAL A 12 -0.69 1.00 -4.56
N VAL A 13 -0.72 1.52 -5.75
CA VAL A 13 -0.59 3.00 -5.92
C VAL A 13 -1.80 3.55 -6.67
N ARG A 14 -2.56 2.69 -7.31
CA ARG A 14 -3.75 3.18 -8.04
C ARG A 14 -4.96 2.28 -7.73
N SER A 15 -5.12 1.91 -6.49
CA SER A 15 -6.28 1.04 -6.12
C SER A 15 -7.47 1.91 -5.72
N TYR A 16 -8.41 2.09 -6.60
CA TYR A 16 -9.60 2.92 -6.25
C TYR A 16 -10.81 2.43 -7.03
N GLY A 17 -11.86 2.07 -6.35
CA GLY A 17 -13.08 1.59 -7.05
C GLY A 17 -13.11 0.06 -7.05
N LEU A 18 -11.97 -0.56 -6.97
CA LEU A 18 -11.92 -2.05 -6.98
C LEU A 18 -11.66 -2.56 -5.55
N PRO A 19 -11.69 -3.86 -5.39
CA PRO A 19 -11.46 -4.50 -4.10
C PRO A 19 -9.96 -4.53 -3.77
N THR A 20 -9.58 -3.89 -2.69
CA THR A 20 -8.12 -3.87 -2.32
C THR A 20 -7.99 -3.55 -0.82
N ILE A 21 -6.91 -3.96 -0.22
CA ILE A 21 -6.72 -3.68 1.23
C ILE A 21 -5.53 -2.72 1.41
N PRO A 22 -5.83 -1.49 1.73
CA PRO A 22 -4.80 -0.46 1.94
C PRO A 22 -4.13 -0.64 3.30
N CYS A 23 -2.89 -0.27 3.43
CA CYS A 23 -2.19 -0.42 4.73
C CYS A 23 -3.04 0.21 5.84
N CYS A 24 -2.76 -0.12 7.07
CA CYS A 24 -3.55 0.45 8.19
C CYS A 24 -3.45 1.98 8.16
N ARG A 25 -4.08 2.64 9.10
CA ARG A 25 -4.02 4.13 9.12
C ARG A 25 -2.61 4.59 9.48
N GLY A 26 -2.19 5.70 8.94
CA GLY A 26 -0.82 6.21 9.26
C GLY A 26 0.19 5.66 8.25
N LEU A 27 -0.07 4.51 7.69
CA LEU A 27 0.88 3.93 6.72
C LEU A 27 0.62 4.53 5.32
N THR A 28 1.66 4.80 4.59
CA THR A 28 1.48 5.39 3.23
C THR A 28 2.11 4.46 2.19
N CYS A 29 1.60 4.45 0.99
CA CYS A 29 2.18 3.56 -0.06
C CYS A 29 3.13 4.37 -0.95
N ARG A 30 4.37 3.96 -1.02
CA ARG A 30 5.35 4.70 -1.87
C ARG A 30 5.73 3.85 -3.07
N SER A 31 5.15 4.11 -4.21
CA SER A 31 5.48 3.31 -5.42
C SER A 31 6.99 3.11 -5.50
N TYR A 32 7.44 2.13 -6.25
CA TYR A 32 8.90 1.88 -6.37
C TYR A 32 9.59 3.12 -6.95
N PHE A 33 9.29 3.47 -8.17
CA PHE A 33 9.93 4.68 -8.78
C PHE A 33 9.65 4.70 -10.29
N PRO A 34 9.97 3.63 -10.95
CA PRO A 34 9.77 3.50 -12.41
C PRO A 34 8.30 3.18 -12.73
N GLY A 35 7.42 4.11 -12.48
CA GLY A 35 5.97 3.87 -12.77
C GLY A 35 5.59 2.44 -12.38
N SER A 36 6.22 1.91 -11.37
CA SER A 36 5.89 0.51 -10.93
C SER A 36 4.42 0.45 -10.51
N THR A 37 3.78 -0.66 -10.76
CA THR A 37 2.35 -0.79 -10.38
C THR A 37 2.24 -1.20 -8.91
N TYR A 38 3.24 -1.88 -8.40
CA TYR A 38 3.19 -2.30 -6.97
C TYR A 38 4.42 -1.75 -6.24
N GLY A 39 4.21 -0.91 -5.26
CA GLY A 39 5.37 -0.34 -4.52
C GLY A 39 5.44 -0.98 -3.13
N ARG A 40 6.08 -0.33 -2.19
CA ARG A 40 6.18 -0.90 -0.82
C ARG A 40 5.32 -0.08 0.15
N CYS A 41 5.23 -0.50 1.37
CA CYS A 41 4.41 0.25 2.36
C CYS A 41 5.25 0.52 3.62
N GLN A 42 5.15 1.70 4.16
CA GLN A 42 5.93 2.03 5.39
C GLN A 42 5.07 2.87 6.32
N ARG A 43 5.56 3.14 7.51
CA ARG A 43 4.77 3.95 8.48
C ARG A 43 5.12 5.43 8.30
N TYR A 44 4.93 5.96 7.13
CA TYR A 44 5.25 7.39 6.89
C TYR A 44 6.70 7.67 7.32
N TYR A 1 -11.55 -4.76 15.53
CA TYR A 1 -10.78 -4.05 14.48
C TYR A 1 -9.30 -4.43 14.59
N SER A 2 -8.77 -5.09 13.59
CA SER A 2 -7.34 -5.48 13.64
C SER A 2 -6.98 -6.32 12.41
N ARG A 3 -7.21 -5.80 11.24
CA ARG A 3 -6.89 -6.57 10.01
C ARG A 3 -6.41 -5.61 8.92
N CYS A 4 -5.13 -5.41 8.80
CA CYS A 4 -4.60 -4.49 7.76
C CYS A 4 -3.18 -4.93 7.36
N GLN A 5 -2.75 -4.58 6.19
CA GLN A 5 -1.37 -4.96 5.75
C GLN A 5 -0.37 -4.70 6.86
N LEU A 6 0.84 -5.13 6.70
CA LEU A 6 1.88 -4.90 7.75
C LEU A 6 2.86 -3.84 7.28
N GLN A 7 3.68 -3.35 8.16
CA GLN A 7 4.67 -2.30 7.76
C GLN A 7 5.78 -2.95 6.94
N GLY A 8 6.36 -2.22 6.03
CA GLY A 8 7.47 -2.80 5.20
C GLY A 8 6.93 -4.01 4.42
N PHE A 9 6.02 -3.78 3.51
CA PHE A 9 5.47 -4.92 2.72
C PHE A 9 5.06 -4.42 1.33
N ASN A 10 4.23 -5.15 0.64
CA ASN A 10 3.82 -4.71 -0.72
C ASN A 10 2.67 -3.71 -0.60
N CYS A 11 2.42 -2.95 -1.64
CA CYS A 11 1.32 -1.95 -1.59
C CYS A 11 0.81 -1.68 -3.01
N VAL A 12 -0.39 -1.17 -3.12
CA VAL A 12 -0.95 -0.89 -4.47
C VAL A 12 -1.22 0.61 -4.61
N VAL A 13 -0.30 1.33 -5.19
CA VAL A 13 -0.50 2.80 -5.35
C VAL A 13 -1.73 3.06 -6.21
N ARG A 14 -2.06 2.13 -7.07
CA ARG A 14 -3.26 2.32 -7.95
C ARG A 14 -4.48 1.71 -7.27
N SER A 15 -4.69 0.44 -7.43
CA SER A 15 -5.87 -0.22 -6.80
C SER A 15 -7.16 0.37 -7.40
N TYR A 16 -7.59 -0.14 -8.51
CA TYR A 16 -8.83 0.37 -9.15
C TYR A 16 -10.06 -0.16 -8.42
N GLY A 17 -10.73 0.66 -7.67
CA GLY A 17 -11.93 0.19 -6.93
C GLY A 17 -11.52 -0.48 -5.61
N LEU A 18 -10.31 -0.24 -5.18
CA LEU A 18 -9.85 -0.86 -3.91
C LEU A 18 -10.03 -2.38 -3.99
N PRO A 19 -9.26 -2.99 -4.85
CA PRO A 19 -9.30 -4.45 -5.06
C PRO A 19 -8.53 -5.18 -3.95
N THR A 20 -7.73 -4.46 -3.21
CA THR A 20 -6.96 -5.11 -2.11
C THR A 20 -7.00 -4.23 -0.87
N ILE A 21 -6.80 -4.79 0.29
CA ILE A 21 -6.84 -3.97 1.54
C ILE A 21 -5.71 -2.94 1.50
N PRO A 22 -6.00 -1.74 1.94
CA PRO A 22 -5.02 -0.65 1.97
C PRO A 22 -4.08 -0.81 3.17
N CYS A 23 -3.24 0.15 3.41
CA CYS A 23 -2.29 0.05 4.55
C CYS A 23 -2.97 0.59 5.82
N CYS A 24 -2.68 0.02 6.95
CA CYS A 24 -3.31 0.50 8.21
C CYS A 24 -3.29 2.03 8.24
N ARG A 25 -4.01 2.63 9.15
CA ARG A 25 -4.03 4.11 9.23
C ARG A 25 -2.63 4.63 9.59
N GLY A 26 -2.26 5.76 9.08
CA GLY A 26 -0.92 6.32 9.39
C GLY A 26 0.11 5.76 8.42
N LEU A 27 -0.22 4.73 7.71
CA LEU A 27 0.74 4.14 6.73
C LEU A 27 0.56 4.81 5.36
N THR A 28 1.62 4.94 4.62
CA THR A 28 1.51 5.59 3.28
C THR A 28 2.01 4.60 2.21
N CYS A 29 1.57 4.78 0.99
CA CYS A 29 2.02 3.85 -0.09
C CYS A 29 3.18 4.50 -0.86
N ARG A 30 4.34 3.90 -0.79
CA ARG A 30 5.51 4.48 -1.52
C ARG A 30 6.04 3.44 -2.50
N SER A 31 5.92 3.70 -3.78
CA SER A 31 6.43 2.72 -4.79
C SER A 31 7.87 3.08 -5.18
N TYR A 32 8.47 2.31 -6.03
CA TYR A 32 9.87 2.60 -6.44
C TYR A 32 9.97 2.61 -7.98
N PHE A 33 8.85 2.62 -8.65
CA PHE A 33 8.88 2.64 -10.15
C PHE A 33 8.03 3.80 -10.66
N PRO A 34 8.25 4.14 -11.91
CA PRO A 34 7.52 5.24 -12.57
C PRO A 34 6.13 4.77 -12.99
N GLY A 35 5.24 4.60 -12.06
CA GLY A 35 3.86 4.15 -12.40
C GLY A 35 3.86 2.62 -12.58
N SER A 36 4.38 1.91 -11.63
CA SER A 36 4.41 0.42 -11.74
C SER A 36 3.08 -0.15 -11.24
N THR A 37 2.24 0.66 -10.66
CA THR A 37 0.94 0.15 -10.14
C THR A 37 1.18 -0.70 -8.90
N TYR A 38 2.40 -0.79 -8.45
CA TYR A 38 2.69 -1.61 -7.24
C TYR A 38 3.96 -1.07 -6.56
N GLY A 39 4.12 -1.32 -5.29
CA GLY A 39 5.34 -0.82 -4.59
C GLY A 39 5.37 -1.38 -3.17
N ARG A 40 5.91 -0.63 -2.24
CA ARG A 40 5.98 -1.12 -0.84
C ARG A 40 5.23 -0.15 0.08
N CYS A 41 5.00 -0.55 1.30
CA CYS A 41 4.27 0.35 2.25
C CYS A 41 5.15 0.63 3.46
N GLN A 42 4.85 1.67 4.20
CA GLN A 42 5.68 2.00 5.39
C GLN A 42 4.80 2.72 6.42
N ARG A 43 5.37 3.12 7.53
CA ARG A 43 4.57 3.83 8.56
C ARG A 43 4.93 5.32 8.54
N TYR A 44 4.98 5.91 7.38
CA TYR A 44 5.32 7.36 7.29
C TYR A 44 6.52 7.64 8.18
N TYR A 1 -8.48 -9.36 14.66
CA TYR A 1 -8.32 -8.38 13.54
C TYR A 1 -7.00 -8.63 12.81
N SER A 2 -7.01 -8.56 11.51
CA SER A 2 -5.76 -8.81 10.74
C SER A 2 -6.02 -8.56 9.25
N ARG A 3 -6.72 -7.51 8.93
CA ARG A 3 -7.00 -7.22 7.49
C ARG A 3 -6.51 -5.81 7.15
N CYS A 4 -5.38 -5.43 7.68
CA CYS A 4 -4.84 -4.06 7.38
C CYS A 4 -3.41 -4.19 6.88
N GLN A 5 -3.13 -5.16 6.07
CA GLN A 5 -1.74 -5.33 5.55
C GLN A 5 -0.75 -5.33 6.72
N LEU A 6 0.50 -5.08 6.45
CA LEU A 6 1.51 -5.06 7.56
C LEU A 6 2.52 -3.95 7.30
N GLN A 7 3.50 -3.81 8.16
CA GLN A 7 4.52 -2.75 7.97
C GLN A 7 5.58 -3.23 6.98
N GLY A 8 6.22 -2.32 6.29
CA GLY A 8 7.26 -2.72 5.31
C GLY A 8 6.77 -3.92 4.49
N PHE A 9 5.87 -3.68 3.57
CA PHE A 9 5.35 -4.81 2.74
C PHE A 9 4.96 -4.28 1.36
N ASN A 10 4.19 -5.03 0.62
CA ASN A 10 3.79 -4.57 -0.74
C ASN A 10 2.55 -3.68 -0.62
N CYS A 11 2.66 -2.44 -1.00
CA CYS A 11 1.49 -1.52 -0.90
C CYS A 11 0.91 -1.29 -2.30
N VAL A 12 -0.35 -0.95 -2.38
CA VAL A 12 -0.98 -0.72 -3.70
C VAL A 12 -1.11 0.79 -3.94
N VAL A 13 -1.04 1.22 -5.17
CA VAL A 13 -1.16 2.67 -5.46
C VAL A 13 -2.19 2.90 -6.57
N ARG A 14 -2.34 1.96 -7.46
CA ARG A 14 -3.32 2.14 -8.57
C ARG A 14 -3.79 0.78 -9.07
N SER A 15 -4.44 0.01 -8.23
CA SER A 15 -4.91 -1.34 -8.66
C SER A 15 -6.43 -1.33 -8.79
N TYR A 16 -6.96 -0.59 -9.73
CA TYR A 16 -8.44 -0.55 -9.90
C TYR A 16 -8.92 -1.81 -10.63
N GLY A 17 -10.11 -2.25 -10.36
CA GLY A 17 -10.63 -3.46 -11.05
C GLY A 17 -10.24 -4.71 -10.26
N LEU A 18 -9.18 -4.64 -9.50
CA LEU A 18 -8.75 -5.84 -8.71
C LEU A 18 -8.91 -5.54 -7.21
N PRO A 19 -9.07 -6.59 -6.45
CA PRO A 19 -9.23 -6.49 -4.99
C PRO A 19 -7.87 -6.24 -4.32
N THR A 20 -7.66 -5.06 -3.81
CA THR A 20 -6.36 -4.75 -3.15
C THR A 20 -6.60 -4.00 -1.84
N ILE A 21 -6.01 -4.46 -0.78
CA ILE A 21 -6.21 -3.77 0.53
C ILE A 21 -4.94 -3.00 0.90
N PRO A 22 -5.09 -1.71 1.14
CA PRO A 22 -3.96 -0.84 1.50
C PRO A 22 -3.58 -1.04 2.96
N CYS A 23 -2.49 -0.44 3.38
CA CYS A 23 -2.07 -0.59 4.80
C CYS A 23 -3.10 0.06 5.72
N CYS A 24 -2.80 0.17 6.99
CA CYS A 24 -3.76 0.81 7.93
C CYS A 24 -3.45 2.30 8.05
N ARG A 25 -4.19 3.01 8.87
CA ARG A 25 -3.94 4.47 9.02
C ARG A 25 -2.57 4.68 9.66
N GLY A 26 -1.78 5.58 9.13
CA GLY A 26 -0.44 5.84 9.71
C GLY A 26 0.64 5.32 8.76
N LEU A 27 0.29 4.44 7.87
CA LEU A 27 1.30 3.90 6.92
C LEU A 27 1.16 4.61 5.57
N THR A 28 2.23 5.15 5.05
CA THR A 28 2.15 5.85 3.74
C THR A 28 2.41 4.84 2.61
N CYS A 29 2.01 5.17 1.42
CA CYS A 29 2.22 4.23 0.27
C CYS A 29 3.18 4.88 -0.73
N ARG A 30 4.22 4.18 -1.09
CA ARG A 30 5.20 4.76 -2.06
C ARG A 30 5.46 3.75 -3.19
N SER A 31 5.01 4.04 -4.38
CA SER A 31 5.23 3.11 -5.51
C SER A 31 6.73 2.96 -5.78
N TYR A 32 7.16 1.80 -6.17
CA TYR A 32 8.61 1.59 -6.45
C TYR A 32 9.07 2.62 -7.50
N PHE A 33 8.68 2.43 -8.73
CA PHE A 33 9.09 3.38 -9.80
C PHE A 33 7.84 4.08 -10.36
N PRO A 34 8.09 5.05 -11.20
CA PRO A 34 7.01 5.83 -11.84
C PRO A 34 6.38 5.03 -12.98
N GLY A 35 5.10 4.82 -12.93
CA GLY A 35 4.42 4.04 -14.01
C GLY A 35 4.21 2.60 -13.53
N SER A 36 4.25 2.38 -12.25
CA SER A 36 4.05 1.01 -11.72
C SER A 36 2.67 0.91 -11.06
N THR A 37 2.32 -0.25 -10.55
CA THR A 37 0.99 -0.40 -9.90
C THR A 37 1.18 -0.84 -8.45
N TYR A 38 2.38 -1.21 -8.08
CA TYR A 38 2.63 -1.66 -6.68
C TYR A 38 3.86 -0.94 -6.13
N GLY A 39 4.12 -1.07 -4.86
CA GLY A 39 5.31 -0.39 -4.27
C GLY A 39 5.59 -0.99 -2.88
N ARG A 40 5.93 -0.16 -1.93
CA ARG A 40 6.23 -0.67 -0.57
C ARG A 40 5.38 0.09 0.46
N CYS A 41 5.30 -0.41 1.66
CA CYS A 41 4.50 0.28 2.71
C CYS A 41 5.40 0.64 3.89
N GLN A 42 5.36 1.87 4.33
CA GLN A 42 6.21 2.29 5.47
C GLN A 42 5.33 2.90 6.56
N ARG A 43 5.68 2.72 7.80
CA ARG A 43 4.85 3.29 8.91
C ARG A 43 5.33 4.70 9.21
N TYR A 44 5.61 5.49 8.20
CA TYR A 44 6.09 6.88 8.44
C TYR A 44 4.91 7.84 8.31
N TYR A 1 -9.55 -6.19 16.40
CA TYR A 1 -10.39 -5.18 15.72
C TYR A 1 -9.55 -4.39 14.72
N SER A 2 -9.17 -5.01 13.63
CA SER A 2 -8.35 -4.29 12.62
C SER A 2 -8.00 -5.25 11.48
N ARG A 3 -8.02 -4.79 10.26
CA ARG A 3 -7.69 -5.67 9.11
C ARG A 3 -6.86 -4.90 8.09
N CYS A 4 -5.59 -4.72 8.35
CA CYS A 4 -4.72 -3.98 7.40
C CYS A 4 -3.49 -4.81 7.07
N GLN A 5 -2.68 -4.37 6.16
CA GLN A 5 -1.46 -5.14 5.80
C GLN A 5 -0.43 -5.04 6.92
N LEU A 6 0.83 -5.11 6.60
CA LEU A 6 1.89 -5.01 7.65
C LEU A 6 2.90 -3.93 7.26
N GLN A 7 3.66 -3.45 8.20
CA GLN A 7 4.67 -2.40 7.89
C GLN A 7 5.84 -3.02 7.11
N GLY A 8 6.30 -2.35 6.09
CA GLY A 8 7.44 -2.91 5.30
C GLY A 8 6.93 -4.07 4.43
N PHE A 9 5.93 -3.82 3.64
CA PHE A 9 5.39 -4.91 2.76
C PHE A 9 5.03 -4.32 1.40
N ASN A 10 4.28 -5.05 0.61
CA ASN A 10 3.89 -4.53 -0.73
C ASN A 10 2.62 -3.70 -0.61
N CYS A 11 2.34 -2.87 -1.57
CA CYS A 11 1.11 -2.03 -1.50
C CYS A 11 0.56 -1.82 -2.92
N VAL A 12 -0.54 -1.13 -3.04
CA VAL A 12 -1.13 -0.89 -4.39
C VAL A 12 -1.23 0.61 -4.63
N VAL A 13 -0.26 1.18 -5.29
CA VAL A 13 -0.31 2.65 -5.56
C VAL A 13 -1.44 2.95 -6.54
N ARG A 14 -1.87 1.97 -7.28
CA ARG A 14 -2.98 2.20 -8.26
C ARG A 14 -4.32 2.05 -7.55
N SER A 15 -4.97 3.14 -7.23
CA SER A 15 -6.28 3.05 -6.53
C SER A 15 -6.78 4.46 -6.20
N TYR A 16 -8.04 4.72 -6.44
CA TYR A 16 -8.59 6.08 -6.14
C TYR A 16 -10.07 5.95 -5.79
N GLY A 17 -10.37 5.77 -4.53
CA GLY A 17 -11.80 5.65 -4.12
C GLY A 17 -12.22 4.18 -4.17
N LEU A 18 -11.36 3.32 -4.66
CA LEU A 18 -11.72 1.88 -4.76
C LEU A 18 -11.61 1.24 -3.37
N PRO A 19 -12.37 0.20 -3.16
CA PRO A 19 -12.40 -0.54 -1.88
C PRO A 19 -11.22 -1.50 -1.80
N THR A 20 -10.03 -1.03 -1.98
CA THR A 20 -8.84 -1.94 -1.91
C THR A 20 -8.38 -2.05 -0.45
N ILE A 21 -7.35 -2.81 -0.20
CA ILE A 21 -6.85 -2.96 1.20
C ILE A 21 -5.41 -2.44 1.28
N PRO A 22 -5.29 -1.15 1.51
CA PRO A 22 -3.98 -0.49 1.64
C PRO A 22 -3.37 -0.77 3.02
N CYS A 23 -2.28 -0.12 3.34
CA CYS A 23 -1.65 -0.35 4.67
C CYS A 23 -2.60 0.10 5.78
N CYS A 24 -2.28 -0.20 7.01
CA CYS A 24 -3.17 0.20 8.13
C CYS A 24 -3.36 1.72 8.13
N ARG A 25 -4.29 2.21 8.90
CA ARG A 25 -4.52 3.68 8.94
C ARG A 25 -3.34 4.36 9.65
N GLY A 26 -2.80 5.40 9.08
CA GLY A 26 -1.66 6.09 9.73
C GLY A 26 -0.38 5.80 8.94
N LEU A 27 -0.39 4.74 8.17
CA LEU A 27 0.82 4.40 7.38
C LEU A 27 0.69 4.98 5.96
N THR A 28 1.74 4.99 5.21
CA THR A 28 1.67 5.53 3.83
C THR A 28 2.28 4.52 2.85
N CYS A 29 1.80 4.50 1.63
CA CYS A 29 2.35 3.53 0.64
C CYS A 29 2.90 4.29 -0.57
N ARG A 30 4.02 3.87 -1.08
CA ARG A 30 4.60 4.57 -2.26
C ARG A 30 4.83 3.55 -3.38
N SER A 31 5.07 4.02 -4.58
CA SER A 31 5.28 3.07 -5.71
C SER A 31 6.79 2.79 -5.85
N TYR A 32 7.16 1.92 -6.75
CA TYR A 32 8.59 1.60 -6.93
C TYR A 32 9.29 2.75 -7.66
N PHE A 33 8.96 2.96 -8.92
CA PHE A 33 9.59 4.07 -9.68
C PHE A 33 9.36 3.86 -11.20
N PRO A 34 9.66 2.67 -11.67
CA PRO A 34 9.49 2.34 -13.10
C PRO A 34 8.01 2.06 -13.43
N GLY A 35 7.20 3.07 -13.41
CA GLY A 35 5.75 2.87 -13.73
C GLY A 35 5.23 1.59 -13.08
N SER A 36 5.60 1.35 -11.85
CA SER A 36 5.13 0.12 -11.17
C SER A 36 3.80 0.40 -10.46
N THR A 37 2.79 -0.38 -10.74
CA THR A 37 1.47 -0.15 -10.08
C THR A 37 1.57 -0.50 -8.60
N TYR A 38 2.52 -1.33 -8.23
CA TYR A 38 2.66 -1.70 -6.80
C TYR A 38 3.99 -1.15 -6.26
N GLY A 39 4.12 -1.03 -4.97
CA GLY A 39 5.39 -0.51 -4.40
C GLY A 39 5.62 -1.08 -3.01
N ARG A 40 6.19 -0.32 -2.11
CA ARG A 40 6.43 -0.82 -0.74
C ARG A 40 5.63 0.01 0.27
N CYS A 41 5.57 -0.42 1.50
CA CYS A 41 4.82 0.35 2.53
C CYS A 41 5.74 0.62 3.72
N GLN A 42 5.65 1.77 4.31
CA GLN A 42 6.52 2.08 5.48
C GLN A 42 5.79 3.03 6.43
N ARG A 43 6.44 3.45 7.48
CA ARG A 43 5.78 4.38 8.45
C ARG A 43 6.05 5.82 8.04
N TYR A 44 5.97 6.11 6.76
CA TYR A 44 6.22 7.51 6.29
C TYR A 44 7.69 7.87 6.53
N TYR A 1 -7.69 -9.69 15.82
CA TYR A 1 -7.14 -8.40 15.33
C TYR A 1 -6.28 -8.65 14.09
N SER A 2 -6.81 -9.30 13.10
CA SER A 2 -6.03 -9.58 11.87
C SER A 2 -6.74 -8.96 10.65
N ARG A 3 -7.06 -7.70 10.72
CA ARG A 3 -7.75 -7.06 9.56
C ARG A 3 -6.92 -5.88 9.07
N CYS A 4 -5.62 -6.02 9.03
CA CYS A 4 -4.76 -4.92 8.56
C CYS A 4 -3.41 -5.47 8.11
N GLN A 5 -2.97 -5.11 6.93
CA GLN A 5 -1.67 -5.64 6.43
C GLN A 5 -0.57 -5.35 7.46
N LEU A 6 0.66 -5.63 7.13
CA LEU A 6 1.77 -5.36 8.10
C LEU A 6 2.62 -4.20 7.61
N GLN A 7 3.44 -3.65 8.47
CA GLN A 7 4.30 -2.50 8.06
C GLN A 7 5.49 -3.03 7.26
N GLY A 8 5.87 -2.34 6.21
CA GLY A 8 7.03 -2.79 5.39
C GLY A 8 6.60 -3.93 4.46
N PHE A 9 5.61 -3.70 3.64
CA PHE A 9 5.16 -4.76 2.69
C PHE A 9 4.76 -4.12 1.36
N ASN A 10 4.27 -4.89 0.44
CA ASN A 10 3.86 -4.31 -0.87
C ASN A 10 2.47 -3.69 -0.76
N CYS A 11 2.19 -2.71 -1.57
CA CYS A 11 0.86 -2.05 -1.52
C CYS A 11 0.55 -1.41 -2.88
N VAL A 12 -0.70 -1.22 -3.18
CA VAL A 12 -1.06 -0.61 -4.49
C VAL A 12 -0.92 0.91 -4.42
N VAL A 13 -0.35 1.52 -5.42
CA VAL A 13 -0.18 3.00 -5.40
C VAL A 13 -1.32 3.64 -6.18
N ARG A 14 -1.90 2.93 -7.12
CA ARG A 14 -3.01 3.50 -7.91
C ARG A 14 -4.35 3.04 -7.31
N SER A 15 -4.61 1.77 -7.35
CA SER A 15 -5.88 1.25 -6.79
C SER A 15 -7.07 1.81 -7.58
N TYR A 16 -8.25 1.30 -7.33
CA TYR A 16 -9.45 1.80 -8.05
C TYR A 16 -10.68 1.65 -7.15
N GLY A 17 -10.74 2.42 -6.10
CA GLY A 17 -11.91 2.32 -5.17
C GLY A 17 -11.48 1.59 -3.90
N LEU A 18 -10.21 1.64 -3.58
CA LEU A 18 -9.72 0.96 -2.35
C LEU A 18 -10.19 -0.50 -2.35
N PRO A 19 -9.79 -1.22 -3.37
CA PRO A 19 -10.14 -2.65 -3.52
C PRO A 19 -9.24 -3.51 -2.63
N THR A 20 -7.98 -3.60 -2.95
CA THR A 20 -7.05 -4.41 -2.14
C THR A 20 -6.94 -3.82 -0.74
N ILE A 21 -6.67 -4.63 0.25
CA ILE A 21 -6.55 -4.12 1.65
C ILE A 21 -5.34 -3.18 1.75
N PRO A 22 -5.61 -1.92 1.99
CA PRO A 22 -4.54 -0.90 2.12
C PRO A 22 -3.89 -1.00 3.50
N CYS A 23 -2.79 -0.31 3.70
CA CYS A 23 -2.11 -0.38 5.03
C CYS A 23 -2.95 0.37 6.07
N CYS A 24 -2.67 0.15 7.33
CA CYS A 24 -3.44 0.84 8.39
C CYS A 24 -3.23 2.35 8.28
N ARG A 25 -4.05 3.12 8.96
CA ARG A 25 -3.90 4.60 8.90
C ARG A 25 -2.48 4.99 9.32
N GLY A 26 -1.94 6.04 8.75
CA GLY A 26 -0.56 6.46 9.12
C GLY A 26 0.44 5.85 8.14
N LEU A 27 0.10 4.74 7.53
CA LEU A 27 1.03 4.10 6.57
C LEU A 27 0.62 4.50 5.15
N THR A 28 1.58 4.83 4.31
CA THR A 28 1.23 5.22 2.92
C THR A 28 1.84 4.20 1.94
N CYS A 29 1.24 4.05 0.79
CA CYS A 29 1.77 3.07 -0.19
C CYS A 29 2.60 3.80 -1.25
N ARG A 30 3.87 3.54 -1.30
CA ARG A 30 4.72 4.22 -2.32
C ARG A 30 5.01 3.25 -3.47
N SER A 31 5.25 3.76 -4.65
CA SER A 31 5.52 2.87 -5.81
C SER A 31 7.03 2.75 -6.01
N TYR A 32 7.46 1.84 -6.83
CA TYR A 32 8.93 1.67 -7.06
C TYR A 32 9.50 2.95 -7.69
N PHE A 33 9.08 3.28 -8.89
CA PHE A 33 9.59 4.52 -9.54
C PHE A 33 9.23 4.51 -11.02
N PRO A 34 9.56 3.44 -11.70
CA PRO A 34 9.28 3.28 -13.14
C PRO A 34 7.81 2.90 -13.38
N GLY A 35 6.89 3.72 -12.98
CA GLY A 35 5.44 3.41 -13.20
C GLY A 35 5.19 1.91 -12.95
N SER A 36 5.78 1.38 -11.91
CA SER A 36 5.57 -0.07 -11.62
C SER A 36 4.18 -0.28 -11.01
N THR A 37 3.47 0.79 -10.75
CA THR A 37 2.11 0.63 -10.16
C THR A 37 2.19 -0.33 -8.97
N TYR A 38 3.35 -0.47 -8.38
CA TYR A 38 3.50 -1.39 -7.22
C TYR A 38 4.76 -1.01 -6.44
N GLY A 39 4.69 -1.02 -5.14
CA GLY A 39 5.89 -0.66 -4.34
C GLY A 39 5.81 -1.30 -2.95
N ARG A 40 6.19 -0.57 -1.94
CA ARG A 40 6.13 -1.13 -0.56
C ARG A 40 5.24 -0.25 0.32
N CYS A 41 5.25 -0.48 1.60
CA CYS A 41 4.40 0.34 2.51
C CYS A 41 5.22 0.76 3.73
N GLN A 42 5.30 2.03 4.02
CA GLN A 42 6.08 2.49 5.20
C GLN A 42 5.17 3.25 6.16
N ARG A 43 5.68 3.66 7.28
CA ARG A 43 4.83 4.41 8.26
C ARG A 43 5.11 5.91 8.14
N TYR A 44 4.83 6.48 7.00
CA TYR A 44 5.07 7.94 6.82
C TYR A 44 3.75 8.66 6.57
N TYR A 1 -14.82 -9.16 8.19
CA TYR A 1 -13.35 -9.26 7.98
C TYR A 1 -12.64 -8.29 8.92
N SER A 2 -11.42 -8.58 9.28
CA SER A 2 -10.67 -7.66 10.19
C SER A 2 -9.16 -7.90 10.02
N ARG A 3 -8.63 -7.62 8.87
CA ARG A 3 -7.17 -7.83 8.66
C ARG A 3 -6.51 -6.49 8.32
N CYS A 4 -5.21 -6.41 8.40
CA CYS A 4 -4.52 -5.13 8.10
C CYS A 4 -3.08 -5.42 7.67
N GLN A 5 -2.59 -4.74 6.67
CA GLN A 5 -1.19 -4.97 6.22
C GLN A 5 -0.22 -4.34 7.21
N LEU A 6 0.98 -4.86 7.31
CA LEU A 6 1.95 -4.28 8.27
C LEU A 6 3.00 -3.46 7.50
N GLN A 7 3.95 -2.92 8.19
CA GLN A 7 5.00 -2.10 7.51
C GLN A 7 5.87 -3.01 6.65
N GLY A 8 6.49 -2.46 5.63
CA GLY A 8 7.34 -3.30 4.75
C GLY A 8 6.48 -4.29 3.97
N PHE A 9 5.25 -3.93 3.70
CA PHE A 9 4.35 -4.85 2.94
C PHE A 9 4.24 -4.39 1.49
N ASN A 10 3.28 -4.88 0.78
CA ASN A 10 3.12 -4.46 -0.65
C ASN A 10 1.98 -3.44 -0.75
N CYS A 11 1.97 -2.66 -1.80
CA CYS A 11 0.90 -1.64 -1.96
C CYS A 11 0.55 -1.50 -3.44
N VAL A 12 -0.45 -0.70 -3.75
CA VAL A 12 -0.83 -0.53 -5.18
C VAL A 12 -1.15 0.95 -5.43
N VAL A 13 -0.38 1.60 -6.24
CA VAL A 13 -0.63 3.04 -6.52
C VAL A 13 -1.87 3.17 -7.42
N ARG A 14 -2.33 2.08 -7.96
CA ARG A 14 -3.54 2.14 -8.84
C ARG A 14 -4.74 1.54 -8.10
N SER A 15 -4.69 1.52 -6.81
CA SER A 15 -5.82 0.95 -6.02
C SER A 15 -6.86 2.04 -5.75
N TYR A 16 -7.99 1.96 -6.38
CA TYR A 16 -9.06 2.99 -6.15
C TYR A 16 -10.43 2.40 -6.48
N GLY A 17 -11.17 2.02 -5.48
CA GLY A 17 -12.52 1.44 -5.74
C GLY A 17 -12.47 -0.08 -5.52
N LEU A 18 -11.36 -0.59 -5.07
CA LEU A 18 -11.25 -2.06 -4.84
C LEU A 18 -11.22 -2.34 -3.33
N PRO A 19 -11.58 -3.55 -2.97
CA PRO A 19 -11.60 -3.98 -1.57
C PRO A 19 -10.19 -4.29 -1.06
N THR A 20 -9.19 -4.05 -1.87
CA THR A 20 -7.80 -4.33 -1.43
C THR A 20 -7.54 -3.64 -0.08
N ILE A 21 -7.45 -4.39 0.97
CA ILE A 21 -7.21 -3.78 2.31
C ILE A 21 -5.85 -3.07 2.32
N PRO A 22 -5.87 -1.78 2.51
CA PRO A 22 -4.65 -0.95 2.55
C PRO A 22 -3.96 -1.10 3.91
N CYS A 23 -2.84 -0.45 4.09
CA CYS A 23 -2.13 -0.56 5.40
C CYS A 23 -2.99 0.05 6.51
N CYS A 24 -2.62 -0.15 7.74
CA CYS A 24 -3.42 0.42 8.86
C CYS A 24 -3.29 1.94 8.86
N ARG A 25 -4.28 2.63 9.34
CA ARG A 25 -4.21 4.12 9.38
C ARG A 25 -2.82 4.57 9.84
N GLY A 26 -2.27 5.57 9.23
CA GLY A 26 -0.93 6.06 9.64
C GLY A 26 0.15 5.44 8.74
N LEU A 27 -0.27 4.72 7.73
CA LEU A 27 0.74 4.09 6.82
C LEU A 27 0.46 4.50 5.38
N THR A 28 1.45 5.01 4.69
CA THR A 28 1.25 5.43 3.27
C THR A 28 1.96 4.45 2.35
N CYS A 29 2.09 4.77 1.09
CA CYS A 29 2.78 3.86 0.15
C CYS A 29 3.61 4.68 -0.84
N ARG A 30 4.59 4.07 -1.46
CA ARG A 30 5.44 4.82 -2.43
C ARG A 30 6.04 3.84 -3.45
N SER A 31 5.81 4.07 -4.71
CA SER A 31 6.37 3.15 -5.74
C SER A 31 7.86 2.93 -5.49
N TYR A 32 8.36 1.78 -5.87
CA TYR A 32 9.81 1.49 -5.64
C TYR A 32 10.66 2.66 -6.16
N PHE A 33 10.20 3.34 -7.17
CA PHE A 33 10.98 4.48 -7.71
C PHE A 33 10.36 4.97 -9.02
N PRO A 34 10.20 4.07 -9.96
CA PRO A 34 9.61 4.38 -11.28
C PRO A 34 8.09 4.50 -11.16
N GLY A 35 7.41 4.54 -12.26
CA GLY A 35 5.91 4.64 -12.23
C GLY A 35 5.30 3.24 -12.16
N SER A 36 5.98 2.32 -11.53
CA SER A 36 5.43 0.94 -11.43
C SER A 36 4.04 0.98 -10.78
N THR A 37 3.29 -0.07 -10.90
CA THR A 37 1.92 -0.09 -10.29
C THR A 37 1.99 -0.70 -8.89
N TYR A 38 3.13 -1.21 -8.52
CA TYR A 38 3.25 -1.82 -7.16
C TYR A 38 4.40 -1.14 -6.40
N GLY A 39 4.15 -0.74 -5.18
CA GLY A 39 5.23 -0.07 -4.39
C GLY A 39 5.36 -0.75 -3.03
N ARG A 40 6.05 -0.12 -2.11
CA ARG A 40 6.22 -0.73 -0.77
C ARG A 40 5.48 0.10 0.28
N CYS A 41 4.75 -0.54 1.16
CA CYS A 41 4.00 0.22 2.21
C CYS A 41 4.94 0.52 3.38
N GLN A 42 4.96 1.76 3.81
CA GLN A 42 5.86 2.12 4.95
C GLN A 42 5.15 3.11 5.87
N ARG A 43 5.81 3.55 6.90
CA ARG A 43 5.18 4.51 7.84
C ARG A 43 5.53 5.94 7.42
N TYR A 44 5.34 6.27 6.16
CA TYR A 44 5.67 7.63 5.69
C TYR A 44 4.54 8.59 6.07
N TYR A 1 -10.31 -6.16 15.28
CA TYR A 1 -10.26 -5.13 14.19
C TYR A 1 -8.84 -5.06 13.63
N SER A 2 -8.66 -5.48 12.41
CA SER A 2 -7.30 -5.44 11.80
C SER A 2 -7.38 -5.83 10.32
N ARG A 3 -7.94 -4.96 9.51
CA ARG A 3 -8.06 -5.28 8.06
C ARG A 3 -6.95 -4.56 7.29
N CYS A 4 -5.72 -4.84 7.61
CA CYS A 4 -4.59 -4.18 6.89
C CYS A 4 -3.37 -5.10 6.87
N GLN A 5 -2.49 -4.92 5.92
CA GLN A 5 -1.28 -5.79 5.85
C GLN A 5 -0.34 -5.44 7.01
N LEU A 6 0.92 -5.76 6.87
CA LEU A 6 1.88 -5.45 7.96
C LEU A 6 2.78 -4.28 7.53
N GLN A 7 3.39 -3.61 8.47
CA GLN A 7 4.28 -2.47 8.11
C GLN A 7 5.51 -3.00 7.36
N GLY A 8 5.91 -2.32 6.33
CA GLY A 8 7.10 -2.79 5.55
C GLY A 8 6.68 -3.94 4.64
N PHE A 9 5.53 -3.84 4.04
CA PHE A 9 5.06 -4.93 3.13
C PHE A 9 4.73 -4.34 1.75
N ASN A 10 3.95 -5.03 0.97
CA ASN A 10 3.60 -4.51 -0.38
C ASN A 10 2.30 -3.72 -0.29
N CYS A 11 2.19 -2.64 -1.03
CA CYS A 11 0.96 -1.83 -0.99
C CYS A 11 0.54 -1.45 -2.40
N VAL A 12 -0.73 -1.27 -2.64
CA VAL A 12 -1.20 -0.90 -4.00
C VAL A 12 -1.38 0.62 -4.07
N VAL A 13 -1.22 1.19 -5.24
CA VAL A 13 -1.37 2.67 -5.37
C VAL A 13 -2.46 2.99 -6.40
N ARG A 14 -2.48 2.27 -7.49
CA ARG A 14 -3.50 2.53 -8.54
C ARG A 14 -4.38 1.29 -8.71
N SER A 15 -5.41 1.17 -7.93
CA SER A 15 -6.30 -0.02 -8.04
C SER A 15 -7.25 0.18 -9.23
N TYR A 16 -7.94 -0.86 -9.64
CA TYR A 16 -8.87 -0.72 -10.79
C TYR A 16 -9.93 -1.82 -10.70
N GLY A 17 -10.75 -1.79 -9.70
CA GLY A 17 -11.81 -2.82 -9.56
C GLY A 17 -11.25 -4.03 -8.80
N LEU A 18 -10.49 -3.79 -7.77
CA LEU A 18 -9.91 -4.91 -6.99
C LEU A 18 -10.05 -4.64 -5.49
N PRO A 19 -10.17 -5.69 -4.73
CA PRO A 19 -10.32 -5.61 -3.26
C PRO A 19 -8.95 -5.34 -2.62
N THR A 20 -7.94 -5.14 -3.41
CA THR A 20 -6.58 -4.88 -2.85
C THR A 20 -6.69 -3.92 -1.66
N ILE A 21 -6.43 -4.39 -0.47
CA ILE A 21 -6.52 -3.50 0.72
C ILE A 21 -5.16 -2.83 0.96
N PRO A 22 -5.18 -1.53 1.15
CA PRO A 22 -3.95 -0.76 1.39
C PRO A 22 -3.51 -0.90 2.85
N CYS A 23 -2.42 -0.29 3.22
CA CYS A 23 -1.94 -0.39 4.63
C CYS A 23 -2.92 0.34 5.55
N CYS A 24 -2.95 -0.01 6.81
CA CYS A 24 -3.87 0.67 7.75
C CYS A 24 -3.49 2.15 7.84
N ARG A 25 -4.34 2.96 8.40
CA ARG A 25 -4.01 4.41 8.51
C ARG A 25 -2.69 4.58 9.25
N GLY A 26 -1.96 5.62 8.95
CA GLY A 26 -0.66 5.84 9.65
C GLY A 26 0.48 5.32 8.76
N LEU A 27 0.16 4.60 7.71
CA LEU A 27 1.22 4.07 6.82
C LEU A 27 1.09 4.70 5.44
N THR A 28 2.17 4.90 4.76
CA THR A 28 2.10 5.52 3.40
C THR A 28 2.60 4.51 2.36
N CYS A 29 2.21 4.68 1.13
CA CYS A 29 2.67 3.73 0.06
C CYS A 29 3.52 4.48 -0.96
N ARG A 30 4.71 4.01 -1.20
CA ARG A 30 5.60 4.68 -2.19
C ARG A 30 5.78 3.79 -3.41
N SER A 31 5.23 4.17 -4.52
CA SER A 31 5.37 3.34 -5.76
C SER A 31 6.82 3.41 -6.26
N TYR A 32 7.29 2.38 -6.90
CA TYR A 32 8.69 2.39 -7.41
C TYR A 32 8.86 3.52 -8.44
N PHE A 33 8.29 3.34 -9.60
CA PHE A 33 8.42 4.41 -10.64
C PHE A 33 7.91 3.87 -11.99
N PRO A 34 8.48 2.77 -12.42
CA PRO A 34 8.08 2.13 -13.69
C PRO A 34 6.76 1.37 -13.52
N GLY A 35 5.74 1.81 -14.19
CA GLY A 35 4.42 1.11 -14.06
C GLY A 35 3.92 1.24 -12.63
N SER A 36 3.78 2.44 -12.14
CA SER A 36 3.30 2.63 -10.75
C SER A 36 2.10 1.72 -10.48
N THR A 37 2.31 0.62 -9.80
CA THR A 37 1.18 -0.30 -9.52
C THR A 37 1.28 -0.79 -8.07
N TYR A 38 2.45 -1.21 -7.67
CA TYR A 38 2.63 -1.71 -6.27
C TYR A 38 4.02 -1.30 -5.78
N GLY A 39 4.10 -0.76 -4.58
CA GLY A 39 5.43 -0.35 -4.05
C GLY A 39 5.61 -0.91 -2.64
N ARG A 40 6.45 -0.29 -1.85
CA ARG A 40 6.67 -0.79 -0.46
C ARG A 40 5.78 -0.01 0.51
N CYS A 41 5.63 -0.49 1.71
CA CYS A 41 4.78 0.24 2.70
C CYS A 41 5.58 0.52 3.96
N GLN A 42 5.54 1.73 4.45
CA GLN A 42 6.30 2.07 5.69
C GLN A 42 5.40 2.85 6.64
N ARG A 43 5.76 2.89 7.90
CA ARG A 43 4.92 3.63 8.89
C ARG A 43 5.40 5.08 8.97
N TYR A 44 5.54 5.73 7.86
CA TYR A 44 6.01 7.15 7.88
C TYR A 44 4.91 8.04 8.45
N TYR A 1 -4.28 -13.41 12.73
CA TYR A 1 -5.27 -12.54 12.05
C TYR A 1 -4.61 -11.20 11.69
N SER A 2 -4.64 -10.83 10.44
CA SER A 2 -4.02 -9.53 10.04
C SER A 2 -4.62 -9.06 8.72
N ARG A 3 -5.77 -8.45 8.76
CA ARG A 3 -6.40 -7.97 7.49
C ARG A 3 -6.02 -6.50 7.26
N CYS A 4 -4.81 -6.14 7.58
CA CYS A 4 -4.39 -4.73 7.38
C CYS A 4 -2.92 -4.69 6.93
N GLN A 5 -2.48 -5.72 6.25
CA GLN A 5 -1.06 -5.74 5.78
C GLN A 5 -0.13 -5.54 6.98
N LEU A 6 1.14 -5.74 6.78
CA LEU A 6 2.10 -5.55 7.91
C LEU A 6 3.02 -4.37 7.59
N GLN A 7 3.40 -3.62 8.59
CA GLN A 7 4.29 -2.45 8.35
C GLN A 7 5.47 -2.89 7.47
N GLY A 8 5.56 -2.36 6.28
CA GLY A 8 6.68 -2.74 5.38
C GLY A 8 6.21 -3.86 4.44
N PHE A 9 5.11 -3.66 3.78
CA PHE A 9 4.60 -4.71 2.84
C PHE A 9 4.43 -4.11 1.45
N ASN A 10 3.70 -4.77 0.59
CA ASN A 10 3.49 -4.24 -0.78
C ASN A 10 2.13 -3.54 -0.86
N CYS A 11 2.12 -2.29 -1.27
CA CYS A 11 0.82 -1.55 -1.36
C CYS A 11 0.45 -1.37 -2.83
N VAL A 12 -0.81 -1.19 -3.11
CA VAL A 12 -1.25 -1.00 -4.52
C VAL A 12 -1.39 0.49 -4.82
N VAL A 13 -0.67 1.00 -5.79
CA VAL A 13 -0.77 2.44 -6.13
C VAL A 13 -1.72 2.62 -7.30
N ARG A 14 -2.09 1.56 -7.96
CA ARG A 14 -3.01 1.68 -9.12
C ARG A 14 -4.28 0.87 -8.84
N SER A 15 -4.53 0.55 -7.61
CA SER A 15 -5.75 -0.24 -7.27
C SER A 15 -6.96 0.34 -8.02
N TYR A 16 -7.68 -0.48 -8.73
CA TYR A 16 -8.85 0.03 -9.49
C TYR A 16 -10.03 0.24 -8.52
N GLY A 17 -10.28 1.46 -8.13
CA GLY A 17 -11.40 1.73 -7.20
C GLY A 17 -11.05 1.22 -5.81
N LEU A 18 -9.83 0.78 -5.61
CA LEU A 18 -9.43 0.27 -4.28
C LEU A 18 -10.13 -1.06 -4.00
N PRO A 19 -9.83 -2.04 -4.83
CA PRO A 19 -10.41 -3.39 -4.71
C PRO A 19 -9.71 -4.18 -3.60
N THR A 20 -8.49 -3.82 -3.29
CA THR A 20 -7.76 -4.55 -2.21
C THR A 20 -7.86 -3.77 -0.91
N ILE A 21 -7.26 -4.27 0.14
CA ILE A 21 -7.34 -3.55 1.44
C ILE A 21 -6.20 -2.52 1.51
N PRO A 22 -6.50 -1.36 2.05
CA PRO A 22 -5.53 -0.27 2.19
C PRO A 22 -4.59 -0.53 3.37
N CYS A 23 -3.48 0.14 3.43
CA CYS A 23 -2.53 -0.06 4.55
C CYS A 23 -3.16 0.46 5.84
N CYS A 24 -2.55 0.16 6.96
CA CYS A 24 -3.12 0.65 8.26
C CYS A 24 -2.92 2.16 8.36
N ARG A 25 -3.48 2.78 9.37
CA ARG A 25 -3.30 4.26 9.50
C ARG A 25 -1.84 4.57 9.80
N GLY A 26 -1.35 5.69 9.34
CA GLY A 26 0.07 6.04 9.59
C GLY A 26 0.95 5.39 8.52
N LEU A 27 0.40 4.49 7.76
CA LEU A 27 1.22 3.82 6.70
C LEU A 27 1.17 4.66 5.43
N THR A 28 2.07 4.42 4.52
CA THR A 28 2.08 5.22 3.26
C THR A 28 2.46 4.32 2.09
N CYS A 29 1.81 4.48 0.96
CA CYS A 29 2.13 3.63 -0.22
C CYS A 29 3.02 4.41 -1.18
N ARG A 30 4.27 4.06 -1.27
CA ARG A 30 5.19 4.79 -2.18
C ARG A 30 5.53 3.90 -3.38
N SER A 31 5.26 4.36 -4.57
CA SER A 31 5.56 3.54 -5.78
C SER A 31 7.06 3.60 -6.07
N TYR A 32 7.68 2.48 -6.31
CA TYR A 32 9.13 2.46 -6.60
C TYR A 32 9.47 3.60 -7.57
N PHE A 33 8.97 3.51 -8.78
CA PHE A 33 9.26 4.59 -9.78
C PHE A 33 8.93 4.08 -11.19
N PRO A 34 9.51 2.96 -11.54
CA PRO A 34 9.30 2.35 -12.87
C PRO A 34 7.95 1.63 -12.91
N GLY A 35 7.04 2.09 -13.72
CA GLY A 35 5.71 1.43 -13.80
C GLY A 35 5.01 1.50 -12.44
N SER A 36 4.77 2.68 -11.95
CA SER A 36 4.10 2.82 -10.63
C SER A 36 2.92 1.85 -10.55
N THR A 37 3.01 0.84 -9.74
CA THR A 37 1.89 -0.14 -9.62
C THR A 37 2.05 -0.96 -8.34
N TYR A 38 3.26 -1.30 -8.00
CA TYR A 38 3.49 -2.10 -6.76
C TYR A 38 4.64 -1.50 -5.96
N GLY A 39 4.34 -0.83 -4.88
CA GLY A 39 5.43 -0.22 -4.07
C GLY A 39 5.44 -0.85 -2.68
N ARG A 40 6.04 -0.21 -1.71
CA ARG A 40 6.09 -0.80 -0.34
C ARG A 40 5.26 0.08 0.60
N CYS A 41 5.07 -0.36 1.82
CA CYS A 41 4.28 0.45 2.79
C CYS A 41 5.13 0.77 4.01
N GLN A 42 5.33 2.03 4.29
CA GLN A 42 6.15 2.42 5.46
C GLN A 42 5.28 3.13 6.49
N ARG A 43 5.78 3.34 7.67
CA ARG A 43 4.98 4.03 8.73
C ARG A 43 5.20 5.53 8.64
N TYR A 44 4.99 6.11 7.48
CA TYR A 44 5.19 7.58 7.34
C TYR A 44 3.82 8.27 7.19
N TYR A 1 -11.69 -6.37 14.72
CA TYR A 1 -11.61 -6.81 13.30
C TYR A 1 -10.67 -5.89 12.54
N SER A 2 -9.69 -6.44 11.86
CA SER A 2 -8.74 -5.59 11.09
C SER A 2 -7.93 -6.48 10.15
N ARG A 3 -7.76 -6.07 8.92
CA ARG A 3 -6.98 -6.90 7.97
C ARG A 3 -6.17 -6.00 7.04
N CYS A 4 -5.57 -4.96 7.57
CA CYS A 4 -4.76 -4.05 6.71
C CYS A 4 -3.34 -4.60 6.58
N GLN A 5 -2.72 -4.38 5.46
CA GLN A 5 -1.33 -4.89 5.26
C GLN A 5 -0.46 -4.52 6.46
N LEU A 6 0.57 -5.28 6.72
CA LEU A 6 1.47 -4.96 7.86
C LEU A 6 2.46 -3.88 7.44
N GLN A 7 3.40 -3.56 8.30
CA GLN A 7 4.40 -2.52 7.94
C GLN A 7 5.50 -3.13 7.07
N GLY A 8 5.97 -2.41 6.09
CA GLY A 8 7.04 -2.95 5.21
C GLY A 8 6.49 -4.12 4.39
N PHE A 9 5.70 -3.84 3.38
CA PHE A 9 5.13 -4.94 2.56
C PHE A 9 4.81 -4.41 1.16
N ASN A 10 4.15 -5.20 0.35
CA ASN A 10 3.82 -4.75 -1.03
C ASN A 10 2.52 -3.95 -1.01
N CYS A 11 2.61 -2.65 -1.08
CA CYS A 11 1.38 -1.81 -1.06
C CYS A 11 0.87 -1.62 -2.49
N VAL A 12 -0.39 -1.39 -2.65
CA VAL A 12 -0.95 -1.19 -4.02
C VAL A 12 -1.04 0.30 -4.33
N VAL A 13 -0.77 0.70 -5.55
CA VAL A 13 -0.85 2.13 -5.90
C VAL A 13 -1.82 2.33 -7.06
N ARG A 14 -2.51 1.29 -7.45
CA ARG A 14 -3.48 1.41 -8.57
C ARG A 14 -4.90 1.26 -8.05
N SER A 15 -5.16 1.79 -6.88
CA SER A 15 -6.54 1.67 -6.31
C SER A 15 -7.35 2.92 -6.67
N TYR A 16 -8.14 2.84 -7.71
CA TYR A 16 -8.95 4.03 -8.11
C TYR A 16 -10.42 3.60 -8.26
N GLY A 17 -11.11 3.44 -7.17
CA GLY A 17 -12.54 3.02 -7.26
C GLY A 17 -12.64 1.49 -7.20
N LEU A 18 -11.58 0.85 -6.79
CA LEU A 18 -11.60 -0.64 -6.71
C LEU A 18 -11.45 -1.08 -5.25
N PRO A 19 -11.97 -2.23 -4.95
CA PRO A 19 -11.91 -2.81 -3.58
C PRO A 19 -10.53 -3.41 -3.32
N THR A 20 -9.78 -2.81 -2.44
CA THR A 20 -8.41 -3.35 -2.14
C THR A 20 -8.07 -3.07 -0.68
N ILE A 21 -7.09 -3.76 -0.15
CA ILE A 21 -6.71 -3.53 1.27
C ILE A 21 -5.33 -2.86 1.32
N PRO A 22 -5.33 -1.56 1.44
CA PRO A 22 -4.09 -0.77 1.50
C PRO A 22 -3.45 -0.89 2.88
N CYS A 23 -2.56 0.00 3.22
CA CYS A 23 -1.90 -0.07 4.55
C CYS A 23 -2.88 0.39 5.63
N CYS A 24 -2.49 0.31 6.88
CA CYS A 24 -3.42 0.74 7.97
C CYS A 24 -3.28 2.25 8.19
N ARG A 25 -4.07 2.80 9.05
CA ARG A 25 -4.00 4.27 9.31
C ARG A 25 -2.68 4.59 10.02
N GLY A 26 -1.98 5.61 9.57
CA GLY A 26 -0.70 5.98 10.23
C GLY A 26 0.47 5.53 9.35
N LEU A 27 0.20 4.78 8.31
CA LEU A 27 1.30 4.30 7.43
C LEU A 27 1.31 5.14 6.14
N THR A 28 2.23 4.86 5.26
CA THR A 28 2.30 5.64 3.99
C THR A 28 2.55 4.69 2.81
N CYS A 29 1.80 4.82 1.76
CA CYS A 29 2.00 3.93 0.58
C CYS A 29 2.83 4.66 -0.47
N ARG A 30 3.72 3.97 -1.13
CA ARG A 30 4.56 4.64 -2.16
C ARG A 30 4.88 3.65 -3.29
N SER A 31 4.94 4.13 -4.50
CA SER A 31 5.25 3.23 -5.64
C SER A 31 6.74 3.30 -5.97
N TYR A 32 7.29 2.27 -6.55
CA TYR A 32 8.74 2.30 -6.89
C TYR A 32 9.02 3.43 -7.88
N PHE A 33 8.55 3.29 -9.10
CA PHE A 33 8.78 4.34 -10.12
C PHE A 33 8.52 3.77 -11.51
N PRO A 34 9.18 2.68 -11.81
CA PRO A 34 9.04 2.00 -13.12
C PRO A 34 7.75 1.16 -13.15
N GLY A 35 6.66 1.75 -13.52
CA GLY A 35 5.37 0.99 -13.57
C GLY A 35 4.35 1.64 -12.64
N SER A 36 4.79 2.14 -11.52
CA SER A 36 3.84 2.78 -10.57
C SER A 36 2.62 1.89 -10.37
N THR A 37 2.84 0.63 -10.11
CA THR A 37 1.68 -0.30 -9.91
C THR A 37 1.76 -0.91 -8.51
N TYR A 38 2.93 -1.29 -8.08
CA TYR A 38 3.09 -1.89 -6.74
C TYR A 38 4.42 -1.44 -6.13
N GLY A 39 4.37 -0.71 -5.04
CA GLY A 39 5.63 -0.25 -4.41
C GLY A 39 5.79 -0.90 -3.04
N ARG A 40 6.22 -0.15 -2.05
CA ARG A 40 6.40 -0.73 -0.69
C ARG A 40 5.61 0.09 0.32
N CYS A 41 5.38 -0.44 1.49
CA CYS A 41 4.63 0.31 2.53
C CYS A 41 5.51 0.49 3.76
N GLN A 42 5.26 1.52 4.54
CA GLN A 42 6.09 1.74 5.76
C GLN A 42 5.28 2.53 6.79
N ARG A 43 5.89 2.90 7.88
CA ARG A 43 5.17 3.67 8.92
C ARG A 43 5.96 4.94 9.27
N TYR A 44 5.92 5.92 8.42
CA TYR A 44 6.68 7.17 8.70
C TYR A 44 6.43 7.61 10.15
N TYR A 1 -15.18 -6.74 6.05
CA TYR A 1 -13.72 -6.80 5.77
C TYR A 1 -12.97 -5.99 6.82
N SER A 2 -12.52 -6.63 7.87
CA SER A 2 -11.78 -5.89 8.93
C SER A 2 -10.34 -6.42 8.99
N ARG A 3 -9.56 -6.17 7.97
CA ARG A 3 -8.16 -6.66 7.98
C ARG A 3 -7.21 -5.53 7.56
N CYS A 4 -5.95 -5.66 7.86
CA CYS A 4 -4.98 -4.60 7.47
C CYS A 4 -3.76 -5.24 6.80
N GLN A 5 -2.62 -4.62 6.89
CA GLN A 5 -1.40 -5.21 6.26
C GLN A 5 -0.21 -5.05 7.20
N LEU A 6 0.81 -5.84 7.01
CA LEU A 6 2.01 -5.74 7.89
C LEU A 6 2.94 -4.64 7.36
N GLN A 7 3.44 -3.80 8.23
CA GLN A 7 4.36 -2.73 7.78
C GLN A 7 5.52 -3.34 7.00
N GLY A 8 6.09 -2.61 6.08
CA GLY A 8 7.23 -3.16 5.30
C GLY A 8 6.70 -4.07 4.18
N PHE A 9 5.46 -3.90 3.82
CA PHE A 9 4.88 -4.75 2.74
C PHE A 9 4.74 -3.92 1.46
N ASN A 10 4.03 -4.44 0.49
CA ASN A 10 3.84 -3.68 -0.78
C ASN A 10 2.50 -2.96 -0.75
N CYS A 11 2.33 -1.96 -1.58
CA CYS A 11 1.03 -1.23 -1.59
C CYS A 11 0.47 -1.19 -3.01
N VAL A 12 -0.73 -0.72 -3.18
CA VAL A 12 -1.32 -0.66 -4.55
C VAL A 12 -1.46 0.79 -4.99
N VAL A 13 -0.42 1.35 -5.55
CA VAL A 13 -0.49 2.77 -6.01
C VAL A 13 -1.73 2.94 -6.91
N ARG A 14 -2.23 1.88 -7.47
CA ARG A 14 -3.42 2.00 -8.35
C ARG A 14 -4.66 1.56 -7.56
N SER A 15 -4.88 0.28 -7.46
CA SER A 15 -6.07 -0.21 -6.70
C SER A 15 -7.34 0.48 -7.21
N TYR A 16 -7.31 0.99 -8.42
CA TYR A 16 -8.51 1.66 -8.97
C TYR A 16 -9.29 0.68 -9.86
N GLY A 17 -10.45 0.26 -9.43
CA GLY A 17 -11.25 -0.69 -10.24
C GLY A 17 -11.22 -2.08 -9.59
N LEU A 18 -10.31 -2.30 -8.68
CA LEU A 18 -10.25 -3.63 -8.00
C LEU A 18 -10.09 -3.43 -6.50
N PRO A 19 -10.70 -4.29 -5.73
CA PRO A 19 -10.65 -4.24 -4.26
C PRO A 19 -9.32 -4.80 -3.75
N THR A 20 -8.81 -4.26 -2.68
CA THR A 20 -7.52 -4.77 -2.14
C THR A 20 -7.45 -4.47 -0.64
N ILE A 21 -6.32 -4.73 -0.03
CA ILE A 21 -6.19 -4.45 1.44
C ILE A 21 -5.15 -3.34 1.65
N PRO A 22 -5.63 -2.17 2.00
CA PRO A 22 -4.76 -1.00 2.26
C PRO A 22 -4.09 -1.12 3.63
N CYS A 23 -2.94 -0.53 3.80
CA CYS A 23 -2.25 -0.60 5.11
C CYS A 23 -3.15 0.00 6.19
N CYS A 24 -2.60 0.24 7.36
CA CYS A 24 -3.43 0.82 8.46
C CYS A 24 -3.22 2.34 8.51
N ARG A 25 -4.04 3.03 9.25
CA ARG A 25 -3.89 4.50 9.37
C ARG A 25 -2.46 4.85 9.76
N GLY A 26 -1.79 5.66 8.99
CA GLY A 26 -0.39 6.03 9.33
C GLY A 26 0.58 5.26 8.43
N LEU A 27 0.06 4.65 7.40
CA LEU A 27 0.94 3.87 6.48
C LEU A 27 0.91 4.51 5.09
N THR A 28 1.90 5.28 4.75
CA THR A 28 1.92 5.92 3.40
C THR A 28 2.46 4.93 2.37
N CYS A 29 1.99 4.99 1.16
CA CYS A 29 2.47 4.06 0.11
C CYS A 29 3.31 4.82 -0.92
N ARG A 30 4.31 4.20 -1.47
CA ARG A 30 5.16 4.89 -2.48
C ARG A 30 5.68 3.88 -3.50
N SER A 31 5.61 4.20 -4.76
CA SER A 31 6.10 3.26 -5.80
C SER A 31 7.58 2.95 -5.57
N TYR A 32 8.07 1.87 -6.11
CA TYR A 32 9.51 1.52 -5.93
C TYR A 32 10.37 2.53 -6.69
N PHE A 33 9.84 3.08 -7.75
CA PHE A 33 10.62 4.08 -8.55
C PHE A 33 10.02 4.19 -9.96
N PRO A 34 9.76 3.07 -10.59
CA PRO A 34 9.18 3.06 -11.95
C PRO A 34 7.67 3.35 -11.89
N GLY A 35 6.98 3.16 -12.98
CA GLY A 35 5.51 3.42 -12.98
C GLY A 35 4.76 2.13 -12.64
N SER A 36 5.42 1.16 -12.10
CA SER A 36 4.73 -0.11 -11.75
C SER A 36 3.48 0.19 -10.92
N THR A 37 2.51 -0.68 -10.94
CA THR A 37 1.27 -0.44 -10.16
C THR A 37 1.43 -1.00 -8.75
N TYR A 38 2.65 -1.14 -8.29
CA TYR A 38 2.88 -1.68 -6.92
C TYR A 38 4.11 -1.03 -6.32
N GLY A 39 4.19 -0.95 -5.02
CA GLY A 39 5.38 -0.32 -4.38
C GLY A 39 5.56 -0.87 -2.96
N ARG A 40 5.93 -0.03 -2.03
CA ARG A 40 6.12 -0.51 -0.63
C ARG A 40 5.14 0.22 0.29
N CYS A 41 5.12 -0.14 1.54
CA CYS A 41 4.20 0.53 2.50
C CYS A 41 4.89 0.68 3.85
N GLN A 42 4.97 1.88 4.36
CA GLN A 42 5.65 2.09 5.67
C GLN A 42 4.95 3.21 6.44
N ARG A 43 5.35 3.45 7.65
CA ARG A 43 4.71 4.53 8.46
C ARG A 43 5.56 5.79 8.38
N TYR A 44 6.74 5.69 7.81
CA TYR A 44 7.62 6.89 7.70
C TYR A 44 7.93 7.42 9.10
N TYR A 1 -13.06 -4.65 13.54
CA TYR A 1 -13.01 -4.72 12.06
C TYR A 1 -11.84 -3.86 11.55
N SER A 2 -11.74 -3.70 10.25
CA SER A 2 -10.63 -2.87 9.70
C SER A 2 -9.29 -3.55 9.97
N ARG A 3 -8.80 -4.31 9.03
CA ARG A 3 -7.50 -5.00 9.24
C ARG A 3 -6.54 -4.61 8.10
N CYS A 4 -5.28 -4.86 8.26
CA CYS A 4 -4.30 -4.50 7.19
C CYS A 4 -3.15 -5.51 7.18
N GLN A 5 -2.52 -5.68 6.04
CA GLN A 5 -1.39 -6.65 5.96
C GLN A 5 -0.41 -6.38 7.11
N LEU A 6 0.64 -5.64 6.85
CA LEU A 6 1.63 -5.34 7.93
C LEU A 6 2.45 -4.11 7.54
N GLN A 7 3.21 -3.59 8.46
CA GLN A 7 4.05 -2.39 8.15
C GLN A 7 5.36 -2.84 7.52
N GLY A 8 5.61 -2.47 6.30
CA GLY A 8 6.88 -2.89 5.62
C GLY A 8 6.58 -3.99 4.62
N PHE A 9 5.60 -3.80 3.78
CA PHE A 9 5.26 -4.85 2.77
C PHE A 9 4.85 -4.17 1.46
N ASN A 10 4.24 -4.90 0.56
CA ASN A 10 3.84 -4.29 -0.73
C ASN A 10 2.55 -3.50 -0.54
N CYS A 11 2.45 -2.34 -1.14
CA CYS A 11 1.21 -1.52 -0.99
C CYS A 11 0.61 -1.25 -2.36
N VAL A 12 -0.67 -1.02 -2.43
CA VAL A 12 -1.32 -0.76 -3.74
C VAL A 12 -1.61 0.74 -3.87
N VAL A 13 -0.95 1.41 -4.78
CA VAL A 13 -1.19 2.87 -4.95
C VAL A 13 -2.47 3.09 -5.74
N ARG A 14 -2.92 2.10 -6.46
CA ARG A 14 -4.17 2.25 -7.25
C ARG A 14 -5.34 1.62 -6.50
N SER A 15 -5.59 2.08 -5.30
CA SER A 15 -6.72 1.50 -4.51
C SER A 15 -7.91 2.47 -4.52
N TYR A 16 -7.79 3.54 -5.26
CA TYR A 16 -8.92 4.52 -5.32
C TYR A 16 -9.80 4.22 -6.54
N GLY A 17 -10.96 3.69 -6.31
CA GLY A 17 -11.87 3.36 -7.45
C GLY A 17 -12.02 1.84 -7.58
N LEU A 18 -11.34 1.10 -6.74
CA LEU A 18 -11.44 -0.38 -6.81
C LEU A 18 -11.29 -0.96 -5.40
N PRO A 19 -11.91 -2.09 -5.18
CA PRO A 19 -11.86 -2.79 -3.88
C PRO A 19 -10.53 -3.53 -3.71
N THR A 20 -9.81 -3.24 -2.67
CA THR A 20 -8.51 -3.93 -2.44
C THR A 20 -8.08 -3.74 -0.98
N ILE A 21 -6.96 -4.31 -0.60
CA ILE A 21 -6.50 -4.16 0.81
C ILE A 21 -5.18 -3.38 0.84
N PRO A 22 -5.30 -2.08 0.95
CA PRO A 22 -4.13 -1.19 1.00
C PRO A 22 -3.51 -1.21 2.40
N CYS A 23 -2.76 -0.20 2.75
CA CYS A 23 -2.12 -0.18 4.09
C CYS A 23 -3.10 0.44 5.11
N CYS A 24 -2.82 0.26 6.38
CA CYS A 24 -3.73 0.84 7.41
C CYS A 24 -3.56 2.36 7.45
N ARG A 25 -4.28 3.03 8.31
CA ARG A 25 -4.17 4.52 8.39
C ARG A 25 -2.83 4.88 9.05
N GLY A 26 -2.14 5.85 8.51
CA GLY A 26 -0.84 6.26 9.11
C GLY A 26 0.31 5.68 8.28
N LEU A 27 0.06 4.61 7.57
CA LEU A 27 1.15 4.01 6.74
C LEU A 27 1.20 4.71 5.38
N THR A 28 2.38 4.90 4.85
CA THR A 28 2.49 5.58 3.53
C THR A 28 2.92 4.56 2.46
N CYS A 29 2.57 4.81 1.23
CA CYS A 29 2.97 3.87 0.15
C CYS A 29 3.74 4.64 -0.93
N ARG A 30 4.63 3.98 -1.62
CA ARG A 30 5.41 4.67 -2.68
C ARG A 30 5.76 3.68 -3.80
N SER A 31 5.13 3.82 -4.93
CA SER A 31 5.43 2.90 -6.06
C SER A 31 6.94 2.82 -6.27
N TYR A 32 7.47 1.63 -6.41
CA TYR A 32 8.95 1.49 -6.62
C TYR A 32 9.42 2.54 -7.63
N PHE A 33 8.80 2.58 -8.78
CA PHE A 33 9.21 3.58 -9.81
C PHE A 33 8.16 4.70 -9.89
N PRO A 34 8.47 5.72 -10.64
CA PRO A 34 7.57 6.88 -10.81
C PRO A 34 6.47 6.53 -11.82
N GLY A 35 5.51 5.74 -11.42
CA GLY A 35 4.41 5.37 -12.36
C GLY A 35 3.95 3.94 -12.06
N SER A 36 4.81 3.15 -11.49
CA SER A 36 4.42 1.74 -11.17
C SER A 36 3.09 1.74 -10.43
N THR A 37 2.60 0.58 -10.06
CA THR A 37 1.30 0.51 -9.34
C THR A 37 1.49 -0.21 -8.00
N TYR A 38 2.62 -0.84 -7.82
CA TYR A 38 2.86 -1.57 -6.54
C TYR A 38 4.21 -1.14 -5.95
N GLY A 39 4.19 -0.56 -4.78
CA GLY A 39 5.48 -0.12 -4.15
C GLY A 39 5.60 -0.76 -2.77
N ARG A 40 6.26 -0.10 -1.86
CA ARG A 40 6.42 -0.66 -0.49
C ARG A 40 5.58 0.15 0.49
N CYS A 41 5.49 -0.27 1.72
CA CYS A 41 4.69 0.50 2.71
C CYS A 41 5.50 0.69 4.00
N GLN A 42 5.76 1.91 4.36
CA GLN A 42 6.53 2.17 5.61
C GLN A 42 5.61 2.81 6.66
N ARG A 43 6.15 3.23 7.76
CA ARG A 43 5.30 3.86 8.81
C ARG A 43 5.66 5.35 8.94
N TYR A 44 5.36 6.13 7.94
CA TYR A 44 5.69 7.59 8.01
C TYR A 44 4.49 8.40 7.52
N TYR A 1 -13.36 -9.80 10.73
CA TYR A 1 -12.97 -8.92 9.60
C TYR A 1 -11.64 -8.23 9.93
N SER A 2 -10.55 -8.89 9.68
CA SER A 2 -9.22 -8.28 9.97
C SER A 2 -8.26 -8.54 8.81
N ARG A 3 -8.14 -7.60 7.90
CA ARG A 3 -7.22 -7.80 6.75
C ARG A 3 -6.45 -6.52 6.47
N CYS A 4 -5.46 -6.21 7.28
CA CYS A 4 -4.67 -4.98 7.05
C CYS A 4 -3.22 -5.35 6.74
N GLN A 5 -2.50 -4.49 6.09
CA GLN A 5 -1.08 -4.79 5.77
C GLN A 5 -0.20 -4.40 6.95
N LEU A 6 1.06 -4.74 6.90
CA LEU A 6 1.98 -4.38 8.02
C LEU A 6 3.05 -3.41 7.52
N GLN A 7 4.00 -3.07 8.34
CA GLN A 7 5.06 -2.12 7.91
C GLN A 7 5.99 -2.84 6.93
N GLY A 8 6.37 -2.17 5.87
CA GLY A 8 7.28 -2.82 4.88
C GLY A 8 6.56 -3.97 4.19
N PHE A 9 5.54 -3.70 3.44
CA PHE A 9 4.80 -4.79 2.74
C PHE A 9 4.42 -4.34 1.33
N ASN A 10 3.55 -5.06 0.68
CA ASN A 10 3.13 -4.66 -0.70
C ASN A 10 1.91 -3.75 -0.62
N CYS A 11 2.04 -2.52 -1.04
CA CYS A 11 0.89 -1.59 -0.99
C CYS A 11 0.39 -1.32 -2.42
N VAL A 12 -0.86 -1.00 -2.57
CA VAL A 12 -1.40 -0.74 -3.93
C VAL A 12 -1.64 0.77 -4.11
N VAL A 13 -1.18 1.32 -5.19
CA VAL A 13 -1.37 2.78 -5.42
C VAL A 13 -2.51 2.98 -6.43
N ARG A 14 -2.85 1.98 -7.17
CA ARG A 14 -3.94 2.12 -8.16
C ARG A 14 -5.28 1.84 -7.50
N SER A 15 -5.53 2.43 -6.35
CA SER A 15 -6.82 2.19 -5.65
C SER A 15 -7.63 3.48 -5.63
N TYR A 16 -8.61 3.59 -6.50
CA TYR A 16 -9.44 4.83 -6.52
C TYR A 16 -10.88 4.45 -6.88
N GLY A 17 -11.57 3.81 -5.98
CA GLY A 17 -12.98 3.41 -6.26
C GLY A 17 -13.13 1.90 -6.09
N LEU A 18 -12.07 1.17 -6.29
CA LEU A 18 -12.14 -0.32 -6.14
C LEU A 18 -11.65 -0.71 -4.74
N PRO A 19 -12.29 -1.71 -4.18
CA PRO A 19 -11.93 -2.21 -2.83
C PRO A 19 -10.69 -3.10 -2.90
N THR A 20 -9.70 -2.81 -2.11
CA THR A 20 -8.46 -3.63 -2.12
C THR A 20 -7.94 -3.80 -0.70
N ILE A 21 -6.66 -3.91 -0.53
CA ILE A 21 -6.10 -4.08 0.84
C ILE A 21 -5.04 -2.99 1.09
N PRO A 22 -5.51 -1.84 1.50
CA PRO A 22 -4.65 -0.68 1.79
C PRO A 22 -3.97 -0.86 3.16
N CYS A 23 -2.85 -0.22 3.36
CA CYS A 23 -2.15 -0.34 4.67
C CYS A 23 -3.04 0.23 5.78
N CYS A 24 -2.73 -0.06 7.01
CA CYS A 24 -3.56 0.46 8.13
C CYS A 24 -3.52 1.99 8.14
N ARG A 25 -4.36 2.60 8.93
CA ARG A 25 -4.38 4.09 8.98
C ARG A 25 -3.07 4.60 9.58
N GLY A 26 -2.38 5.46 8.89
CA GLY A 26 -1.08 5.98 9.42
C GLY A 26 0.08 5.40 8.60
N LEU A 27 -0.21 4.55 7.65
CA LEU A 27 0.88 3.95 6.83
C LEU A 27 0.94 4.66 5.48
N THR A 28 2.09 4.69 4.87
CA THR A 28 2.22 5.37 3.54
C THR A 28 3.05 4.50 2.61
N CYS A 29 2.66 4.36 1.37
CA CYS A 29 3.44 3.52 0.42
C CYS A 29 3.73 4.31 -0.85
N ARG A 30 4.92 4.18 -1.38
CA ARG A 30 5.27 4.92 -2.63
C ARG A 30 5.80 3.93 -3.67
N SER A 31 5.47 4.13 -4.92
CA SER A 31 5.96 3.21 -5.97
C SER A 31 7.45 2.90 -5.75
N TYR A 32 7.91 1.79 -6.26
CA TYR A 32 9.35 1.43 -6.08
C TYR A 32 10.23 2.50 -6.73
N PHE A 33 9.84 3.01 -7.86
CA PHE A 33 10.65 4.05 -8.54
C PHE A 33 10.07 4.34 -9.92
N PRO A 34 9.92 3.31 -10.72
CA PRO A 34 9.38 3.44 -12.08
C PRO A 34 7.84 3.48 -12.05
N GLY A 35 7.28 4.36 -11.26
CA GLY A 35 5.79 4.45 -11.19
C GLY A 35 5.20 3.05 -11.15
N SER A 36 5.90 2.11 -10.57
CA SER A 36 5.39 0.71 -10.51
C SER A 36 3.96 0.71 -9.94
N THR A 37 3.14 -0.19 -10.40
CA THR A 37 1.75 -0.25 -9.87
C THR A 37 1.77 -0.68 -8.40
N TYR A 38 2.72 -1.49 -8.04
CA TYR A 38 2.81 -1.94 -6.62
C TYR A 38 4.09 -1.36 -6.00
N GLY A 39 3.96 -0.65 -4.92
CA GLY A 39 5.17 -0.06 -4.27
C GLY A 39 5.41 -0.72 -2.91
N ARG A 40 6.04 -0.03 -2.01
CA ARG A 40 6.32 -0.61 -0.67
C ARG A 40 5.66 0.27 0.40
N CYS A 41 5.08 -0.34 1.40
CA CYS A 41 4.42 0.46 2.48
C CYS A 41 5.41 0.64 3.64
N GLN A 42 5.22 1.68 4.42
CA GLN A 42 6.15 1.92 5.55
C GLN A 42 5.38 2.60 6.70
N ARG A 43 6.00 2.74 7.84
CA ARG A 43 5.32 3.39 8.99
C ARG A 43 5.59 4.89 8.96
N TYR A 44 5.67 5.47 7.79
CA TYR A 44 5.95 6.93 7.69
C TYR A 44 4.62 7.68 7.55
N TYR A 1 -12.24 -4.09 15.84
CA TYR A 1 -10.91 -4.56 15.37
C TYR A 1 -10.41 -3.66 14.23
N SER A 2 -9.22 -3.89 13.76
CA SER A 2 -8.69 -3.04 12.65
C SER A 2 -7.41 -3.68 12.10
N ARG A 3 -7.54 -4.81 11.45
CA ARG A 3 -6.33 -5.46 10.88
C ARG A 3 -6.15 -5.01 9.43
N CYS A 4 -4.94 -4.69 9.04
CA CYS A 4 -4.70 -4.25 7.65
C CYS A 4 -3.59 -5.09 7.02
N GLN A 5 -3.17 -4.75 5.83
CA GLN A 5 -2.08 -5.54 5.18
C GLN A 5 -0.88 -5.64 6.12
N LEU A 6 0.20 -6.16 5.63
CA LEU A 6 1.41 -6.29 6.51
C LEU A 6 2.26 -5.03 6.40
N GLN A 7 2.49 -4.36 7.50
CA GLN A 7 3.31 -3.12 7.46
C GLN A 7 4.71 -3.45 6.94
N GLY A 8 5.34 -2.53 6.26
CA GLY A 8 6.70 -2.79 5.72
C GLY A 8 6.64 -3.97 4.74
N PHE A 9 5.92 -3.81 3.67
CA PHE A 9 5.82 -4.91 2.67
C PHE A 9 5.49 -4.32 1.29
N ASN A 10 4.83 -5.08 0.45
CA ASN A 10 4.49 -4.56 -0.90
C ASN A 10 3.24 -3.68 -0.81
N CYS A 11 3.23 -2.57 -1.50
CA CYS A 11 2.05 -1.67 -1.45
C CYS A 11 1.35 -1.66 -2.81
N VAL A 12 0.10 -1.28 -2.85
CA VAL A 12 -0.63 -1.25 -4.16
C VAL A 12 -1.07 0.18 -4.45
N VAL A 13 -0.75 0.68 -5.61
CA VAL A 13 -1.17 2.06 -5.97
C VAL A 13 -2.12 2.03 -7.17
N ARG A 14 -2.36 0.86 -7.70
CA ARG A 14 -3.28 0.76 -8.87
C ARG A 14 -4.72 0.56 -8.38
N SER A 15 -5.18 1.44 -7.54
CA SER A 15 -6.57 1.30 -7.02
C SER A 15 -7.43 2.46 -7.52
N TYR A 16 -8.51 2.18 -8.19
CA TYR A 16 -9.38 3.26 -8.71
C TYR A 16 -10.83 3.00 -8.30
N GLY A 17 -11.25 3.56 -7.19
CA GLY A 17 -12.65 3.32 -6.73
C GLY A 17 -12.78 1.91 -6.19
N LEU A 18 -11.68 1.27 -5.88
CA LEU A 18 -11.74 -0.11 -5.34
C LEU A 18 -11.44 -0.10 -3.84
N PRO A 19 -11.78 -1.18 -3.19
CA PRO A 19 -11.55 -1.33 -1.74
C PRO A 19 -10.09 -1.65 -1.45
N THR A 20 -9.71 -2.90 -1.55
CA THR A 20 -8.29 -3.27 -1.28
C THR A 20 -7.82 -2.62 0.03
N ILE A 21 -8.34 -3.07 1.14
CA ILE A 21 -7.93 -2.48 2.45
C ILE A 21 -6.40 -2.32 2.47
N PRO A 22 -5.95 -1.09 2.41
CA PRO A 22 -4.50 -0.78 2.42
C PRO A 22 -3.94 -0.89 3.84
N CYS A 23 -2.69 -0.58 4.01
CA CYS A 23 -2.08 -0.66 5.37
C CYS A 23 -2.98 0.05 6.38
N CYS A 24 -2.62 0.00 7.64
CA CYS A 24 -3.47 0.67 8.67
C CYS A 24 -3.29 2.18 8.59
N ARG A 25 -4.04 2.93 9.35
CA ARG A 25 -3.92 4.40 9.32
C ARG A 25 -2.55 4.82 9.89
N GLY A 26 -1.90 5.75 9.25
CA GLY A 26 -0.57 6.20 9.76
C GLY A 26 0.52 5.73 8.79
N LEU A 27 0.21 4.79 7.94
CA LEU A 27 1.23 4.30 6.97
C LEU A 27 1.10 5.07 5.66
N THR A 28 2.06 4.94 4.79
CA THR A 28 1.98 5.66 3.48
C THR A 28 2.37 4.72 2.35
N CYS A 29 2.12 5.11 1.13
CA CYS A 29 2.47 4.23 -0.03
C CYS A 29 3.40 4.98 -0.98
N ARG A 30 4.51 4.39 -1.34
CA ARG A 30 5.45 5.06 -2.26
C ARG A 30 5.71 4.18 -3.48
N SER A 31 5.23 4.56 -4.64
CA SER A 31 5.44 3.73 -5.85
C SER A 31 6.93 3.74 -6.22
N TYR A 32 7.36 2.81 -7.03
CA TYR A 32 8.79 2.77 -7.42
C TYR A 32 9.06 3.86 -8.47
N PHE A 33 8.57 3.68 -9.66
CA PHE A 33 8.79 4.70 -10.73
C PHE A 33 8.45 4.09 -12.09
N PRO A 34 9.04 2.95 -12.37
CA PRO A 34 8.82 2.24 -13.64
C PRO A 34 7.49 1.47 -13.60
N GLY A 35 6.46 2.02 -14.20
CA GLY A 35 5.15 1.32 -14.18
C GLY A 35 4.29 1.87 -13.04
N SER A 36 4.91 2.23 -11.96
CA SER A 36 4.14 2.77 -10.80
C SER A 36 2.95 1.85 -10.51
N THR A 37 3.21 0.69 -9.98
CA THR A 37 2.09 -0.26 -9.66
C THR A 37 2.23 -0.72 -8.21
N TYR A 38 3.15 -1.59 -7.93
CA TYR A 38 3.33 -2.08 -6.53
C TYR A 38 4.64 -1.51 -5.97
N GLY A 39 4.55 -0.73 -4.93
CA GLY A 39 5.78 -0.14 -4.33
C GLY A 39 6.01 -0.74 -2.94
N ARG A 40 6.20 0.10 -1.96
CA ARG A 40 6.44 -0.42 -0.58
C ARG A 40 5.56 0.36 0.41
N CYS A 41 5.07 -0.31 1.42
CA CYS A 41 4.21 0.39 2.42
C CYS A 41 5.01 0.58 3.72
N GLN A 42 5.18 1.80 4.14
CA GLN A 42 5.95 2.04 5.40
C GLN A 42 5.02 2.64 6.46
N ARG A 43 5.52 2.82 7.66
CA ARG A 43 4.68 3.39 8.74
C ARG A 43 5.29 4.72 9.20
N TYR A 44 5.26 5.72 8.36
CA TYR A 44 5.83 7.03 8.74
C TYR A 44 4.69 8.01 9.08
N TYR A 1 -6.23 -2.58 16.89
CA TYR A 1 -7.05 -2.67 15.64
C TYR A 1 -6.70 -3.96 14.90
N SER A 2 -7.60 -4.45 14.08
CA SER A 2 -7.31 -5.72 13.34
C SER A 2 -8.02 -5.67 11.99
N ARG A 3 -7.47 -4.96 11.04
CA ARG A 3 -8.11 -4.87 9.70
C ARG A 3 -7.09 -4.34 8.69
N CYS A 4 -5.85 -4.71 8.84
CA CYS A 4 -4.80 -4.22 7.89
C CYS A 4 -3.58 -5.14 7.96
N GLN A 5 -2.55 -4.83 7.23
CA GLN A 5 -1.33 -5.68 7.25
C GLN A 5 -0.25 -5.00 8.09
N LEU A 6 0.90 -5.61 8.22
CA LEU A 6 1.99 -4.99 9.02
C LEU A 6 2.74 -3.98 8.14
N GLN A 7 3.64 -3.23 8.73
CA GLN A 7 4.40 -2.22 7.94
C GLN A 7 5.55 -2.91 7.20
N GLY A 8 5.78 -2.55 5.97
CA GLY A 8 6.89 -3.19 5.19
C GLY A 8 6.33 -4.32 4.33
N PHE A 9 5.65 -3.98 3.27
CA PHE A 9 5.08 -5.04 2.38
C PHE A 9 4.88 -4.47 0.98
N ASN A 10 4.03 -5.09 0.20
CA ASN A 10 3.79 -4.58 -1.19
C ASN A 10 2.45 -3.86 -1.24
N CYS A 11 2.41 -2.71 -1.85
CA CYS A 11 1.13 -1.96 -1.95
C CYS A 11 0.91 -1.50 -3.39
N VAL A 12 -0.32 -1.36 -3.80
CA VAL A 12 -0.59 -0.92 -5.20
C VAL A 12 -0.79 0.60 -5.24
N VAL A 13 -0.37 1.23 -6.29
CA VAL A 13 -0.53 2.71 -6.38
C VAL A 13 -1.72 3.04 -7.29
N ARG A 14 -2.56 2.08 -7.53
CA ARG A 14 -3.74 2.33 -8.41
C ARG A 14 -4.95 1.59 -7.85
N SER A 15 -4.89 1.18 -6.61
CA SER A 15 -6.04 0.46 -6.00
C SER A 15 -7.34 1.16 -6.37
N TYR A 16 -7.30 2.45 -6.56
CA TYR A 16 -8.54 3.19 -6.93
C TYR A 16 -9.25 2.46 -8.06
N GLY A 17 -10.24 1.67 -7.74
CA GLY A 17 -10.98 0.91 -8.80
C GLY A 17 -11.29 -0.49 -8.28
N LEU A 18 -10.30 -1.19 -7.80
CA LEU A 18 -10.53 -2.57 -7.28
C LEU A 18 -10.57 -2.52 -5.75
N PRO A 19 -11.31 -3.42 -5.18
CA PRO A 19 -11.45 -3.52 -3.71
C PRO A 19 -10.21 -4.16 -3.09
N THR A 20 -9.47 -3.42 -2.32
CA THR A 20 -8.24 -4.00 -1.69
C THR A 20 -8.11 -3.49 -0.26
N ILE A 21 -7.34 -4.16 0.55
CA ILE A 21 -7.16 -3.72 1.96
C ILE A 21 -5.86 -2.93 2.08
N PRO A 22 -5.99 -1.64 2.30
CA PRO A 22 -4.82 -0.75 2.44
C PRO A 22 -4.19 -0.89 3.82
N CYS A 23 -2.96 -0.49 3.98
CA CYS A 23 -2.30 -0.61 5.31
C CYS A 23 -3.17 0.03 6.38
N CYS A 24 -2.69 0.09 7.59
CA CYS A 24 -3.50 0.70 8.69
C CYS A 24 -3.31 2.22 8.68
N ARG A 25 -4.11 2.94 9.43
CA ARG A 25 -3.97 4.41 9.46
C ARG A 25 -2.56 4.78 9.96
N GLY A 26 -1.92 5.71 9.31
CA GLY A 26 -0.55 6.10 9.75
C GLY A 26 0.48 5.52 8.79
N LEU A 27 0.05 4.75 7.82
CA LEU A 27 1.00 4.16 6.85
C LEU A 27 0.74 4.73 5.46
N THR A 28 1.60 4.47 4.51
CA THR A 28 1.38 5.01 3.15
C THR A 28 2.04 4.09 2.11
N CYS A 29 1.67 4.23 0.86
CA CYS A 29 2.27 3.38 -0.19
C CYS A 29 3.25 4.21 -1.03
N ARG A 30 4.41 3.69 -1.32
CA ARG A 30 5.39 4.46 -2.12
C ARG A 30 5.82 3.64 -3.34
N SER A 31 5.43 4.05 -4.52
CA SER A 31 5.82 3.29 -5.74
C SER A 31 7.34 3.37 -5.92
N TYR A 32 7.97 2.30 -6.33
CA TYR A 32 9.43 2.32 -6.53
C TYR A 32 9.81 3.41 -7.54
N PHE A 33 9.38 3.27 -8.77
CA PHE A 33 9.71 4.30 -9.78
C PHE A 33 8.46 5.12 -10.13
N PRO A 34 8.69 6.28 -10.67
CA PRO A 34 7.59 7.20 -11.06
C PRO A 34 6.97 6.75 -12.39
N GLY A 35 6.12 5.76 -12.35
CA GLY A 35 5.47 5.28 -13.60
C GLY A 35 5.11 3.80 -13.45
N SER A 36 5.80 3.10 -12.61
CA SER A 36 5.49 1.65 -12.41
C SER A 36 4.12 1.50 -11.75
N THR A 37 3.71 0.30 -11.48
CA THR A 37 2.38 0.09 -10.83
C THR A 37 2.55 -0.74 -9.55
N TYR A 38 3.61 -0.50 -8.83
CA TYR A 38 3.84 -1.27 -7.57
C TYR A 38 4.73 -0.46 -6.64
N GLY A 39 4.52 -0.57 -5.35
CA GLY A 39 5.36 0.20 -4.39
C GLY A 39 5.54 -0.61 -3.11
N ARG A 40 5.77 0.05 -1.99
CA ARG A 40 5.96 -0.69 -0.72
C ARG A 40 5.25 0.07 0.41
N CYS A 41 4.66 -0.63 1.33
CA CYS A 41 3.96 0.05 2.46
C CYS A 41 4.97 0.42 3.54
N GLN A 42 4.82 1.56 4.15
CA GLN A 42 5.78 1.97 5.21
C GLN A 42 5.05 2.85 6.24
N ARG A 43 5.77 3.38 7.19
CA ARG A 43 5.11 4.25 8.22
C ARG A 43 5.18 5.71 7.77
N TYR A 44 4.79 5.99 6.56
CA TYR A 44 4.84 7.40 6.07
C TYR A 44 6.22 7.98 6.32
N TYR A 1 -9.30 -2.98 15.14
CA TYR A 1 -9.26 -2.64 13.69
C TYR A 1 -8.89 -3.87 12.87
N SER A 2 -9.26 -3.90 11.63
CA SER A 2 -8.92 -5.08 10.78
C SER A 2 -8.79 -4.64 9.32
N ARG A 3 -8.53 -5.57 8.43
CA ARG A 3 -8.39 -5.21 7.00
C ARG A 3 -7.15 -4.32 6.81
N CYS A 4 -6.10 -4.61 7.51
CA CYS A 4 -4.86 -3.79 7.38
C CYS A 4 -3.66 -4.69 7.11
N GLN A 5 -2.60 -4.16 6.57
CA GLN A 5 -1.40 -5.00 6.29
C GLN A 5 -0.35 -4.74 7.39
N LEU A 6 0.82 -5.31 7.22
CA LEU A 6 1.89 -5.10 8.25
C LEU A 6 2.80 -3.96 7.81
N GLN A 7 3.68 -3.53 8.67
CA GLN A 7 4.60 -2.42 8.30
C GLN A 7 5.71 -2.97 7.39
N GLY A 8 5.99 -2.29 6.31
CA GLY A 8 7.05 -2.76 5.38
C GLY A 8 6.53 -3.95 4.58
N PHE A 9 5.59 -3.71 3.70
CA PHE A 9 5.03 -4.83 2.89
C PHE A 9 4.71 -4.32 1.48
N ASN A 10 3.96 -5.08 0.73
CA ASN A 10 3.61 -4.65 -0.65
C ASN A 10 2.35 -3.78 -0.61
N CYS A 11 2.35 -2.69 -1.33
CA CYS A 11 1.15 -1.81 -1.33
C CYS A 11 0.81 -1.39 -2.77
N VAL A 12 -0.45 -1.22 -3.06
CA VAL A 12 -0.84 -0.82 -4.44
C VAL A 12 -0.86 0.71 -4.54
N VAL A 13 -0.58 1.25 -5.70
CA VAL A 13 -0.58 2.72 -5.85
C VAL A 13 -1.74 3.15 -6.75
N ARG A 14 -2.24 2.27 -7.57
CA ARG A 14 -3.36 2.64 -8.47
C ARG A 14 -4.62 1.87 -8.07
N SER A 15 -4.62 0.58 -8.26
CA SER A 15 -5.81 -0.24 -7.89
C SER A 15 -6.94 0.08 -8.87
N TYR A 16 -6.97 -0.59 -9.98
CA TYR A 16 -8.04 -0.34 -10.99
C TYR A 16 -8.72 -1.66 -11.35
N GLY A 17 -9.48 -2.22 -10.46
CA GLY A 17 -10.17 -3.51 -10.76
C GLY A 17 -10.67 -4.14 -9.45
N LEU A 18 -9.79 -4.36 -8.52
CA LEU A 18 -10.21 -4.97 -7.23
C LEU A 18 -9.61 -4.18 -6.06
N PRO A 19 -10.33 -4.15 -4.97
CA PRO A 19 -9.89 -3.43 -3.75
C PRO A 19 -8.85 -4.24 -3.00
N THR A 20 -7.59 -3.94 -3.20
CA THR A 20 -6.52 -4.70 -2.49
C THR A 20 -6.43 -4.21 -1.05
N ILE A 21 -6.45 -5.11 -0.10
CA ILE A 21 -6.37 -4.69 1.33
C ILE A 21 -5.29 -3.61 1.48
N PRO A 22 -5.72 -2.40 1.75
CA PRO A 22 -4.81 -1.26 1.91
C PRO A 22 -4.13 -1.31 3.28
N CYS A 23 -3.11 -0.50 3.47
CA CYS A 23 -2.41 -0.50 4.78
C CYS A 23 -3.30 0.15 5.84
N CYS A 24 -2.81 0.29 7.04
CA CYS A 24 -3.63 0.91 8.12
C CYS A 24 -3.26 2.39 8.26
N ARG A 25 -3.60 2.99 9.37
CA ARG A 25 -3.27 4.42 9.57
C ARG A 25 -1.77 4.57 9.82
N GLY A 26 -1.16 5.59 9.28
CA GLY A 26 0.30 5.79 9.49
C GLY A 26 1.09 5.04 8.42
N LEU A 27 0.42 4.24 7.64
CA LEU A 27 1.14 3.48 6.57
C LEU A 27 0.93 4.18 5.23
N THR A 28 1.87 4.99 4.83
CA THR A 28 1.73 5.70 3.53
C THR A 28 2.13 4.76 2.38
N CYS A 29 1.40 4.80 1.30
CA CYS A 29 1.74 3.91 0.15
C CYS A 29 2.73 4.62 -0.76
N ARG A 30 3.60 3.90 -1.42
CA ARG A 30 4.59 4.54 -2.32
C ARG A 30 5.02 3.55 -3.40
N SER A 31 5.19 4.00 -4.61
CA SER A 31 5.61 3.09 -5.70
C SER A 31 7.13 2.89 -5.65
N TYR A 32 7.66 2.10 -6.54
CA TYR A 32 9.13 1.86 -6.55
C TYR A 32 9.86 3.18 -6.83
N PHE A 33 9.43 3.92 -7.81
CA PHE A 33 10.09 5.21 -8.13
C PHE A 33 9.57 5.74 -9.46
N PRO A 34 9.64 4.92 -10.48
CA PRO A 34 9.18 5.29 -11.83
C PRO A 34 7.66 5.13 -11.95
N GLY A 35 6.91 5.82 -11.12
CA GLY A 35 5.43 5.71 -11.18
C GLY A 35 5.02 4.25 -11.34
N SER A 36 5.82 3.34 -10.86
CA SER A 36 5.48 1.89 -11.00
C SER A 36 4.02 1.68 -10.55
N THR A 37 3.48 0.52 -10.82
CA THR A 37 2.08 0.26 -10.42
C THR A 37 2.05 -0.39 -9.03
N TYR A 38 3.16 -0.90 -8.58
CA TYR A 38 3.19 -1.56 -7.24
C TYR A 38 4.44 -1.10 -6.48
N GLY A 39 4.33 -0.89 -5.20
CA GLY A 39 5.51 -0.44 -4.40
C GLY A 39 5.47 -1.12 -3.03
N ARG A 40 5.59 -0.35 -1.98
CA ARG A 40 5.56 -0.95 -0.61
C ARG A 40 4.85 0.01 0.35
N CYS A 41 4.68 -0.40 1.58
CA CYS A 41 3.98 0.48 2.55
C CYS A 41 4.89 0.70 3.76
N GLN A 42 5.23 1.93 4.05
CA GLN A 42 6.12 2.21 5.21
C GLN A 42 5.32 2.94 6.29
N ARG A 43 5.93 3.20 7.42
CA ARG A 43 5.19 3.89 8.51
C ARG A 43 5.51 5.39 8.47
N TYR A 44 6.01 5.86 7.35
CA TYR A 44 6.33 7.31 7.24
C TYR A 44 6.77 7.63 5.81
N TYR A 1 -9.26 -7.06 16.37
CA TYR A 1 -10.02 -6.04 15.60
C TYR A 1 -9.04 -5.26 14.71
N SER A 2 -9.52 -4.76 13.60
CA SER A 2 -8.61 -3.99 12.69
C SER A 2 -7.57 -4.93 12.09
N ARG A 3 -7.26 -4.75 10.83
CA ARG A 3 -6.25 -5.64 10.19
C ARG A 3 -5.84 -5.04 8.83
N CYS A 4 -4.62 -4.59 8.71
CA CYS A 4 -4.16 -4.01 7.42
C CYS A 4 -2.85 -4.68 7.00
N GLN A 5 -2.30 -4.29 5.89
CA GLN A 5 -1.02 -4.91 5.42
C GLN A 5 0.02 -4.80 6.54
N LEU A 6 1.08 -5.54 6.45
CA LEU A 6 2.13 -5.49 7.51
C LEU A 6 3.16 -4.42 7.18
N GLN A 7 3.57 -3.64 8.15
CA GLN A 7 4.58 -2.58 7.88
C GLN A 7 5.80 -3.19 7.18
N GLY A 8 5.92 -3.00 5.89
CA GLY A 8 7.07 -3.57 5.16
C GLY A 8 6.57 -4.65 4.19
N PHE A 9 5.51 -4.38 3.49
CA PHE A 9 4.97 -5.38 2.53
C PHE A 9 4.78 -4.73 1.16
N ASN A 10 4.02 -5.35 0.29
CA ASN A 10 3.79 -4.76 -1.05
C ASN A 10 2.64 -3.74 -0.96
N CYS A 11 2.35 -3.05 -2.03
CA CYS A 11 1.24 -2.05 -2.00
C CYS A 11 0.70 -1.85 -3.40
N VAL A 12 -0.52 -1.39 -3.52
CA VAL A 12 -1.12 -1.16 -4.86
C VAL A 12 -1.34 0.33 -5.07
N VAL A 13 -0.52 0.96 -5.88
CA VAL A 13 -0.69 2.42 -6.11
C VAL A 13 -1.64 2.65 -7.28
N ARG A 14 -2.37 1.63 -7.67
CA ARG A 14 -3.32 1.79 -8.80
C ARG A 14 -4.73 1.38 -8.36
N SER A 15 -4.86 0.88 -7.16
CA SER A 15 -6.21 0.47 -6.68
C SER A 15 -7.22 1.59 -6.96
N TYR A 16 -8.46 1.23 -7.22
CA TYR A 16 -9.48 2.27 -7.51
C TYR A 16 -10.68 2.06 -6.59
N GLY A 17 -10.85 2.90 -5.60
CA GLY A 17 -11.99 2.74 -4.67
C GLY A 17 -11.54 2.00 -3.42
N LEU A 18 -10.30 2.15 -3.05
CA LEU A 18 -9.78 1.45 -1.84
C LEU A 18 -10.30 0.01 -1.81
N PRO A 19 -9.98 -0.74 -2.84
CA PRO A 19 -10.41 -2.15 -2.96
C PRO A 19 -9.52 -3.04 -2.09
N THR A 20 -8.24 -3.07 -2.36
CA THR A 20 -7.33 -3.93 -1.57
C THR A 20 -7.32 -3.45 -0.11
N ILE A 21 -6.36 -3.87 0.66
CA ILE A 21 -6.30 -3.44 2.09
C ILE A 21 -4.94 -2.78 2.36
N PRO A 22 -4.93 -1.47 2.34
CA PRO A 22 -3.71 -0.69 2.58
C PRO A 22 -3.40 -0.63 4.09
N CYS A 23 -2.18 -0.37 4.44
CA CYS A 23 -1.82 -0.30 5.88
C CYS A 23 -2.88 0.48 6.65
N CYS A 24 -3.02 0.22 7.92
CA CYS A 24 -4.05 0.95 8.72
C CYS A 24 -3.81 2.46 8.58
N ARG A 25 -4.77 3.25 8.99
CA ARG A 25 -4.59 4.73 8.88
C ARG A 25 -3.31 5.16 9.61
N GLY A 26 -2.64 6.15 9.10
CA GLY A 26 -1.38 6.61 9.77
C GLY A 26 -0.18 6.22 8.90
N LEU A 27 -0.26 5.10 8.24
CA LEU A 27 0.89 4.67 7.38
C LEU A 27 0.73 5.30 6.00
N THR A 28 1.75 5.23 5.19
CA THR A 28 1.66 5.83 3.83
C THR A 28 2.25 4.86 2.79
N CYS A 29 1.59 4.69 1.69
CA CYS A 29 2.10 3.77 0.64
C CYS A 29 2.99 4.56 -0.32
N ARG A 30 4.02 3.94 -0.86
CA ARG A 30 4.91 4.67 -1.80
C ARG A 30 5.42 3.71 -2.87
N SER A 31 5.40 4.13 -4.11
CA SER A 31 5.89 3.24 -5.20
C SER A 31 7.38 3.50 -5.42
N TYR A 32 8.13 2.47 -5.74
CA TYR A 32 9.59 2.66 -5.97
C TYR A 32 9.83 3.87 -6.87
N PHE A 33 9.33 3.83 -8.08
CA PHE A 33 9.54 4.97 -9.01
C PHE A 33 8.19 5.65 -9.29
N PRO A 34 8.26 6.82 -9.86
CA PRO A 34 7.07 7.61 -10.21
C PRO A 34 6.41 7.07 -11.49
N GLY A 35 5.47 6.19 -11.35
CA GLY A 35 4.80 5.63 -12.56
C GLY A 35 4.53 4.14 -12.34
N SER A 36 5.39 3.48 -11.63
CA SER A 36 5.20 2.01 -11.39
C SER A 36 3.75 1.76 -10.95
N THR A 37 3.31 0.54 -11.02
CA THR A 37 1.91 0.23 -10.61
C THR A 37 1.91 -0.44 -9.24
N TYR A 38 3.01 -1.00 -8.84
CA TYR A 38 3.07 -1.66 -7.50
C TYR A 38 4.21 -1.06 -6.68
N GLY A 39 4.32 -1.42 -5.43
CA GLY A 39 5.40 -0.87 -4.58
C GLY A 39 5.37 -1.54 -3.20
N ARG A 40 5.61 -0.80 -2.16
CA ARG A 40 5.59 -1.38 -0.79
C ARG A 40 4.95 -0.39 0.18
N CYS A 41 4.40 -0.86 1.26
CA CYS A 41 3.76 0.06 2.24
C CYS A 41 4.69 0.23 3.45
N GLN A 42 4.97 1.45 3.82
CA GLN A 42 5.86 1.68 4.99
C GLN A 42 5.48 2.99 5.68
N ARG A 43 6.16 3.33 6.73
CA ARG A 43 5.82 4.60 7.45
C ARG A 43 6.57 5.77 6.79
N TYR A 44 6.52 5.85 5.49
CA TYR A 44 7.22 6.96 4.79
C TYR A 44 8.70 6.95 5.16
N TYR A 1 -4.96 -12.03 12.99
CA TYR A 1 -4.92 -11.01 14.08
C TYR A 1 -4.97 -9.61 13.47
N SER A 2 -6.13 -9.06 13.31
CA SER A 2 -6.25 -7.70 12.71
C SER A 2 -6.02 -7.78 11.20
N ARG A 3 -6.97 -7.34 10.43
CA ARG A 3 -6.81 -7.39 8.95
C ARG A 3 -6.33 -6.03 8.44
N CYS A 4 -5.06 -5.80 8.43
CA CYS A 4 -4.56 -4.47 7.96
C CYS A 4 -3.24 -4.66 7.20
N GLN A 5 -3.15 -5.68 6.38
CA GLN A 5 -1.88 -5.89 5.61
C GLN A 5 -0.70 -5.96 6.57
N LEU A 6 0.49 -6.13 6.05
CA LEU A 6 1.69 -6.21 6.93
C LEU A 6 2.56 -4.97 6.70
N GLN A 7 2.91 -4.29 7.75
CA GLN A 7 3.76 -3.06 7.59
C GLN A 7 5.09 -3.45 6.94
N GLY A 8 5.66 -2.57 6.15
CA GLY A 8 6.95 -2.88 5.49
C GLY A 8 6.76 -4.05 4.52
N PHE A 9 5.82 -3.96 3.63
CA PHE A 9 5.60 -5.08 2.67
C PHE A 9 5.22 -4.50 1.30
N ASN A 10 4.64 -5.30 0.45
CA ASN A 10 4.24 -4.79 -0.90
C ASN A 10 2.94 -4.00 -0.80
N CYS A 11 2.77 -3.03 -1.64
CA CYS A 11 1.51 -2.22 -1.60
C CYS A 11 1.12 -1.82 -3.03
N VAL A 12 -0.16 -1.70 -3.29
CA VAL A 12 -0.60 -1.32 -4.66
C VAL A 12 -0.84 0.19 -4.71
N VAL A 13 -0.64 0.80 -5.84
CA VAL A 13 -0.85 2.27 -5.95
C VAL A 13 -2.11 2.56 -6.77
N ARG A 14 -2.54 1.62 -7.57
CA ARG A 14 -3.75 1.85 -8.40
C ARG A 14 -4.68 0.65 -8.29
N SER A 15 -4.16 -0.53 -8.48
CA SER A 15 -5.01 -1.75 -8.39
C SER A 15 -6.09 -1.70 -9.47
N TYR A 16 -6.21 -2.74 -10.26
CA TYR A 16 -7.25 -2.74 -11.33
C TYR A 16 -7.90 -4.12 -11.39
N GLY A 17 -8.89 -4.35 -10.57
CA GLY A 17 -9.57 -5.68 -10.58
C GLY A 17 -10.31 -5.87 -9.26
N LEU A 18 -9.62 -5.73 -8.15
CA LEU A 18 -10.28 -5.90 -6.83
C LEU A 18 -9.80 -4.78 -5.89
N PRO A 19 -10.58 -4.52 -4.88
CA PRO A 19 -10.27 -3.49 -3.88
C PRO A 19 -9.19 -3.99 -2.90
N THR A 20 -7.95 -3.68 -3.17
CA THR A 20 -6.87 -4.13 -2.26
C THR A 20 -6.96 -3.40 -0.92
N ILE A 21 -6.50 -3.99 0.14
CA ILE A 21 -6.57 -3.32 1.47
C ILE A 21 -5.35 -2.40 1.65
N PRO A 22 -5.61 -1.15 1.94
CA PRO A 22 -4.54 -0.15 2.16
C PRO A 22 -3.92 -0.32 3.54
N CYS A 23 -2.82 0.35 3.80
CA CYS A 23 -2.17 0.23 5.13
C CYS A 23 -3.06 0.89 6.20
N CYS A 24 -2.80 0.60 7.45
CA CYS A 24 -3.62 1.21 8.53
C CYS A 24 -3.44 2.73 8.52
N ARG A 25 -4.27 3.44 9.24
CA ARG A 25 -4.14 4.92 9.28
C ARG A 25 -2.81 5.30 9.94
N GLY A 26 -2.05 6.14 9.31
CA GLY A 26 -0.74 6.54 9.91
C GLY A 26 0.41 5.91 9.12
N LEU A 27 0.10 5.13 8.12
CA LEU A 27 1.18 4.48 7.32
C LEU A 27 1.37 5.27 6.01
N THR A 28 2.10 4.71 5.08
CA THR A 28 2.33 5.44 3.80
C THR A 28 2.61 4.43 2.67
N CYS A 29 2.02 4.63 1.53
CA CYS A 29 2.26 3.68 0.40
C CYS A 29 2.76 4.46 -0.82
N ARG A 30 3.84 4.04 -1.41
CA ARG A 30 4.38 4.76 -2.60
C ARG A 30 5.00 3.76 -3.57
N SER A 31 5.03 4.10 -4.84
CA SER A 31 5.63 3.18 -5.84
C SER A 31 7.09 3.56 -6.08
N TYR A 32 7.92 2.60 -6.41
CA TYR A 32 9.36 2.91 -6.65
C TYR A 32 9.48 3.82 -7.88
N PHE A 33 9.13 3.32 -9.03
CA PHE A 33 9.24 4.15 -10.27
C PHE A 33 7.89 4.81 -10.56
N PRO A 34 7.92 5.89 -11.29
CA PRO A 34 6.72 6.65 -11.67
C PRO A 34 5.98 5.94 -12.81
N GLY A 35 5.20 4.94 -12.50
CA GLY A 35 4.46 4.21 -13.57
C GLY A 35 4.13 2.81 -13.08
N SER A 36 5.00 2.21 -12.32
CA SER A 36 4.74 0.84 -11.81
C SER A 36 3.48 0.86 -10.93
N THR A 37 2.72 -0.20 -10.95
CA THR A 37 1.48 -0.23 -10.12
C THR A 37 1.77 -0.95 -8.80
N TYR A 38 2.99 -0.90 -8.35
CA TYR A 38 3.33 -1.58 -7.06
C TYR A 38 4.41 -0.76 -6.34
N GLY A 39 4.54 -0.94 -5.05
CA GLY A 39 5.58 -0.17 -4.29
C GLY A 39 5.79 -0.82 -2.93
N ARG A 40 5.86 -0.02 -1.90
CA ARG A 40 6.08 -0.58 -0.52
C ARG A 40 5.38 0.31 0.50
N CYS A 41 5.02 -0.24 1.64
CA CYS A 41 4.34 0.58 2.69
C CYS A 41 5.22 0.64 3.94
N GLN A 42 5.23 1.75 4.62
CA GLN A 42 6.05 1.86 5.86
C GLN A 42 5.32 2.69 6.90
N ARG A 43 5.90 2.86 8.06
CA ARG A 43 5.22 3.65 9.13
C ARG A 43 5.63 5.12 9.00
N TYR A 44 5.71 5.62 7.80
CA TYR A 44 6.08 7.05 7.60
C TYR A 44 4.82 7.89 7.40
N TYR A 1 -7.31 -12.60 10.80
CA TYR A 1 -8.40 -12.06 9.96
C TYR A 1 -8.56 -10.55 10.23
N SER A 2 -9.06 -9.82 9.27
CA SER A 2 -9.22 -8.35 9.48
C SER A 2 -7.86 -7.72 9.79
N ARG A 3 -7.34 -6.94 8.90
CA ARG A 3 -6.02 -6.29 9.17
C ARG A 3 -5.70 -5.30 8.04
N CYS A 4 -4.91 -4.30 8.32
CA CYS A 4 -4.56 -3.31 7.27
C CYS A 4 -3.13 -3.54 6.79
N GLN A 5 -2.86 -4.68 6.22
CA GLN A 5 -1.48 -4.97 5.73
C GLN A 5 -0.49 -4.91 6.89
N LEU A 6 0.77 -5.05 6.61
CA LEU A 6 1.79 -5.01 7.71
C LEU A 6 2.86 -3.97 7.38
N GLN A 7 3.73 -3.68 8.30
CA GLN A 7 4.79 -2.67 8.04
C GLN A 7 5.85 -3.28 7.11
N GLY A 8 6.40 -2.50 6.23
CA GLY A 8 7.44 -3.04 5.31
C GLY A 8 6.86 -4.23 4.54
N PHE A 9 6.06 -3.99 3.55
CA PHE A 9 5.47 -5.12 2.78
C PHE A 9 5.12 -4.63 1.37
N ASN A 10 4.30 -5.37 0.66
CA ASN A 10 3.93 -4.96 -0.72
C ASN A 10 2.61 -4.18 -0.69
N CYS A 11 2.49 -3.16 -1.49
CA CYS A 11 1.23 -2.37 -1.51
C CYS A 11 0.92 -1.92 -2.94
N VAL A 12 -0.33 -1.81 -3.29
CA VAL A 12 -0.68 -1.39 -4.67
C VAL A 12 -0.83 0.13 -4.71
N VAL A 13 -0.63 0.73 -5.85
CA VAL A 13 -0.77 2.21 -5.95
C VAL A 13 -1.83 2.55 -7.01
N ARG A 14 -2.00 1.70 -7.98
CA ARG A 14 -3.02 1.97 -9.05
C ARG A 14 -4.09 0.88 -9.03
N SER A 15 -3.70 -0.33 -8.76
CA SER A 15 -4.70 -1.44 -8.72
C SER A 15 -5.38 -1.55 -10.08
N TYR A 16 -5.96 -2.69 -10.36
CA TYR A 16 -6.65 -2.87 -11.67
C TYR A 16 -7.76 -3.92 -11.54
N GLY A 17 -8.88 -3.55 -10.99
CA GLY A 17 -9.99 -4.52 -10.83
C GLY A 17 -9.53 -5.68 -9.93
N LEU A 18 -9.08 -5.37 -8.74
CA LEU A 18 -8.63 -6.44 -7.82
C LEU A 18 -8.85 -5.99 -6.36
N PRO A 19 -9.22 -6.94 -5.53
CA PRO A 19 -9.46 -6.68 -4.10
C PRO A 19 -8.15 -6.58 -3.33
N THR A 20 -7.71 -5.39 -3.04
CA THR A 20 -6.42 -5.23 -2.29
C THR A 20 -6.61 -4.19 -1.19
N ILE A 21 -6.46 -4.59 0.05
CA ILE A 21 -6.63 -3.62 1.17
C ILE A 21 -5.30 -2.88 1.40
N PRO A 22 -5.36 -1.57 1.37
CA PRO A 22 -4.16 -0.72 1.57
C PRO A 22 -3.82 -0.64 3.06
N CYS A 23 -2.71 -0.04 3.39
CA CYS A 23 -2.32 0.07 4.83
C CYS A 23 -3.29 1.01 5.55
N CYS A 24 -3.47 0.83 6.82
CA CYS A 24 -4.41 1.70 7.58
C CYS A 24 -3.66 2.96 8.06
N ARG A 25 -4.34 3.83 8.76
CA ARG A 25 -3.67 5.07 9.24
C ARG A 25 -2.37 4.69 9.96
N GLY A 26 -1.35 5.50 9.82
CA GLY A 26 -0.06 5.19 10.49
C GLY A 26 0.98 4.79 9.45
N LEU A 27 0.56 4.14 8.40
CA LEU A 27 1.53 3.73 7.34
C LEU A 27 1.37 4.64 6.13
N THR A 28 1.97 4.28 5.02
CA THR A 28 1.86 5.12 3.80
C THR A 28 2.21 4.28 2.57
N CYS A 29 1.29 4.14 1.66
CA CYS A 29 1.56 3.33 0.44
C CYS A 29 2.29 4.20 -0.59
N ARG A 30 3.57 3.99 -0.76
CA ARG A 30 4.34 4.80 -1.74
C ARG A 30 4.77 3.92 -2.91
N SER A 31 4.70 4.43 -4.11
CA SER A 31 5.10 3.62 -5.29
C SER A 31 6.62 3.49 -5.34
N TYR A 32 7.12 2.59 -6.13
CA TYR A 32 8.61 2.42 -6.23
C TYR A 32 9.24 3.75 -6.66
N PHE A 33 8.83 4.28 -7.78
CA PHE A 33 9.42 5.57 -8.25
C PHE A 33 9.09 5.78 -9.73
N PRO A 34 9.37 4.78 -10.53
CA PRO A 34 9.12 4.84 -11.99
C PRO A 34 7.65 4.55 -12.30
N GLY A 35 6.74 5.30 -11.75
CA GLY A 35 5.29 5.07 -12.04
C GLY A 35 4.99 3.58 -12.00
N SER A 36 5.46 2.89 -11.00
CA SER A 36 5.20 1.42 -10.92
C SER A 36 3.75 1.18 -10.47
N THR A 37 3.12 0.16 -10.98
CA THR A 37 1.72 -0.13 -10.58
C THR A 37 1.70 -0.63 -9.13
N TYR A 38 2.83 -0.93 -8.58
CA TYR A 38 2.87 -1.42 -7.17
C TYR A 38 3.90 -0.61 -6.38
N GLY A 39 4.13 -0.96 -5.14
CA GLY A 39 5.12 -0.20 -4.32
C GLY A 39 5.33 -0.91 -2.98
N ARG A 40 5.67 -0.18 -1.96
CA ARG A 40 5.88 -0.82 -0.63
C ARG A 40 5.18 0.01 0.46
N CYS A 41 4.96 -0.57 1.59
CA CYS A 41 4.27 0.19 2.69
C CYS A 41 5.27 0.47 3.81
N GLN A 42 5.38 1.70 4.22
CA GLN A 42 6.33 2.04 5.32
C GLN A 42 5.57 2.69 6.48
N ARG A 43 6.25 2.98 7.56
CA ARG A 43 5.56 3.62 8.71
C ARG A 43 5.72 5.14 8.61
N TYR A 44 5.59 5.67 7.42
CA TYR A 44 5.72 7.15 7.26
C TYR A 44 7.07 7.61 7.83
#